data_2QVO
# 
_entry.id   2QVO 
# 
_audit_conform.dict_name       mmcif_pdbx.dic 
_audit_conform.dict_version    5.387 
_audit_conform.dict_location   http://mmcif.pdb.org/dictionaries/ascii/mmcif_pdbx.dic 
# 
loop_
_database_2.database_id 
_database_2.database_code 
_database_2.pdbx_database_accession 
_database_2.pdbx_DOI 
PDB   2QVO         pdb_00002qvo 10.2210/pdb2qvo/pdb 
RCSB  RCSB044113   ?            ?                   
WWPDB D_1000044113 ?            ?                   
# 
loop_
_pdbx_audit_revision_history.ordinal 
_pdbx_audit_revision_history.data_content_type 
_pdbx_audit_revision_history.major_revision 
_pdbx_audit_revision_history.minor_revision 
_pdbx_audit_revision_history.revision_date 
1 'Structure model' 1 0 2007-09-04 
2 'Structure model' 1 1 2011-07-13 
3 'Structure model' 1 2 2018-01-24 
4 'Structure model' 1 3 2024-02-21 
# 
_pdbx_audit_revision_details.ordinal             1 
_pdbx_audit_revision_details.revision_ordinal    1 
_pdbx_audit_revision_details.data_content_type   'Structure model' 
_pdbx_audit_revision_details.provider            repository 
_pdbx_audit_revision_details.type                'Initial release' 
_pdbx_audit_revision_details.description         ? 
_pdbx_audit_revision_details.details             ? 
# 
loop_
_pdbx_audit_revision_group.ordinal 
_pdbx_audit_revision_group.revision_ordinal 
_pdbx_audit_revision_group.data_content_type 
_pdbx_audit_revision_group.group 
1 2 'Structure model' 'Version format compliance' 
2 3 'Structure model' Advisory                    
3 3 'Structure model' 'Database references'       
4 3 'Structure model' 'Structure summary'         
5 4 'Structure model' Advisory                    
6 4 'Structure model' 'Data collection'           
7 4 'Structure model' 'Database references'       
# 
loop_
_pdbx_audit_revision_category.ordinal 
_pdbx_audit_revision_category.revision_ordinal 
_pdbx_audit_revision_category.data_content_type 
_pdbx_audit_revision_category.category 
1 3 'Structure model' audit_author                 
2 3 'Structure model' citation_author              
3 3 'Structure model' pdbx_unobs_or_zero_occ_atoms 
4 4 'Structure model' chem_comp_atom               
5 4 'Structure model' chem_comp_bond               
6 4 'Structure model' database_2                   
7 4 'Structure model' pdbx_unobs_or_zero_occ_atoms 
# 
loop_
_pdbx_audit_revision_item.ordinal 
_pdbx_audit_revision_item.revision_ordinal 
_pdbx_audit_revision_item.data_content_type 
_pdbx_audit_revision_item.item 
1 3 'Structure model' '_audit_author.name'                  
2 3 'Structure model' '_citation_author.name'               
3 4 'Structure model' '_database_2.pdbx_DOI'                
4 4 'Structure model' '_database_2.pdbx_database_accession' 
# 
_pdbx_database_status.status_code                     REL 
_pdbx_database_status.entry_id                        2QVO 
_pdbx_database_status.recvd_initial_deposition_date   2007-08-08 
_pdbx_database_status.deposit_site                    RCSB 
_pdbx_database_status.process_site                    RCSB 
_pdbx_database_status.status_code_sf                  REL 
_pdbx_database_status.status_code_mr                  ? 
_pdbx_database_status.SG_entry                        Y 
_pdbx_database_status.pdb_format_compatible           Y 
_pdbx_database_status.status_code_cs                  ? 
_pdbx_database_status.methods_development_category    ? 
_pdbx_database_status.status_code_nmr_data            ? 
# 
loop_
_audit_author.name 
_audit_author.pdbx_ordinal 
'Zhu, J.'                                                 1  
'Zhao, M.'                                                2  
'Fu, Z.-Q.'                                               3  
'Yang, H.'                                                4  
'Chang, J.'                                               5  
'Hao, X.'                                                 6  
'Chen, L.'                                                7  
'Liu, Z.J.'                                               8  
'Rose, J.P.'                                              9  
'Wang, B.C.'                                              10 
'Southeast Collaboratory for Structural Genomics (SECSG)' 11 
# 
_citation.id                        primary 
_citation.title                     'Crystal structure of AF1382 from Archaeoglobus fulgidus.' 
_citation.journal_abbrev            'To be Published' 
_citation.journal_volume            ? 
_citation.page_first                ? 
_citation.page_last                 ? 
_citation.year                      ? 
_citation.journal_id_ASTM           ? 
_citation.country                   ? 
_citation.journal_id_ISSN           ? 
_citation.journal_id_CSD            0353 
_citation.book_publisher            ? 
_citation.pdbx_database_id_PubMed   ? 
_citation.pdbx_database_id_DOI      ? 
# 
loop_
_citation_author.citation_id 
_citation_author.name 
_citation_author.ordinal 
_citation_author.identifier_ORCID 
primary 'Zhu, J.'    1  ? 
primary 'Zhao, M.'   2  ? 
primary 'Fu, Z.-Q.'  3  ? 
primary 'Yang, H.'   4  ? 
primary 'Chang, J.'  5  ? 
primary 'Hao, X.'    6  ? 
primary 'Chen, L.'   7  ? 
primary 'Liu, Z.J.'  8  ? 
primary 'Rose, J.P.' 9  ? 
primary 'Wang, B.C.' 10 ? 
# 
loop_
_entity.id 
_entity.type 
_entity.src_method 
_entity.pdbx_description 
_entity.formula_weight 
_entity.pdbx_number_of_molecules 
_entity.pdbx_ec 
_entity.pdbx_mutation 
_entity.pdbx_fragment 
_entity.details 
1 polymer man 'Uncharacterized protein AF_1382' 11159.016 1  ? ? ? ? 
2 water   nat water                             18.015    38 ? ? ? ? 
# 
_entity_poly.entity_id                      1 
_entity_poly.type                           'polypeptide(L)' 
_entity_poly.nstd_linkage                   no 
_entity_poly.nstd_monomer                   no 
_entity_poly.pdbx_seq_one_letter_code       
;MEDERIKLLFKEKALEILMTIYYESLGGNDVYIQYIASKVNSPHSYVWLIIKKFEEAKMVECELEGRTKIIRLTDKGQKI
AQQIKSIIDIMENDT
;
_entity_poly.pdbx_seq_one_letter_code_can   
;MEDERIKLLFKEKALEILMTIYYESLGGNDVYIQYIASKVNSPHSYVWLIIKKFEEAKMVECELEGRTKIIRLTDKGQKI
AQQIKSIIDIMENDT
;
_entity_poly.pdbx_strand_id                 A 
_entity_poly.pdbx_target_identifier         ? 
# 
_pdbx_entity_nonpoly.entity_id   2 
_pdbx_entity_nonpoly.name        water 
_pdbx_entity_nonpoly.comp_id     HOH 
# 
loop_
_entity_poly_seq.entity_id 
_entity_poly_seq.num 
_entity_poly_seq.mon_id 
_entity_poly_seq.hetero 
1 1  MET n 
1 2  GLU n 
1 3  ASP n 
1 4  GLU n 
1 5  ARG n 
1 6  ILE n 
1 7  LYS n 
1 8  LEU n 
1 9  LEU n 
1 10 PHE n 
1 11 LYS n 
1 12 GLU n 
1 13 LYS n 
1 14 ALA n 
1 15 LEU n 
1 16 GLU n 
1 17 ILE n 
1 18 LEU n 
1 19 MET n 
1 20 THR n 
1 21 ILE n 
1 22 TYR n 
1 23 TYR n 
1 24 GLU n 
1 25 SER n 
1 26 LEU n 
1 27 GLY n 
1 28 GLY n 
1 29 ASN n 
1 30 ASP n 
1 31 VAL n 
1 32 TYR n 
1 33 ILE n 
1 34 GLN n 
1 35 TYR n 
1 36 ILE n 
1 37 ALA n 
1 38 SER n 
1 39 LYS n 
1 40 VAL n 
1 41 ASN n 
1 42 SER n 
1 43 PRO n 
1 44 HIS n 
1 45 SER n 
1 46 TYR n 
1 47 VAL n 
1 48 TRP n 
1 49 LEU n 
1 50 ILE n 
1 51 ILE n 
1 52 LYS n 
1 53 LYS n 
1 54 PHE n 
1 55 GLU n 
1 56 GLU n 
1 57 ALA n 
1 58 LYS n 
1 59 MET n 
1 60 VAL n 
1 61 GLU n 
1 62 CYS n 
1 63 GLU n 
1 64 LEU n 
1 65 GLU n 
1 66 GLY n 
1 67 ARG n 
1 68 THR n 
1 69 LYS n 
1 70 ILE n 
1 71 ILE n 
1 72 ARG n 
1 73 LEU n 
1 74 THR n 
1 75 ASP n 
1 76 LYS n 
1 77 GLY n 
1 78 GLN n 
1 79 LYS n 
1 80 ILE n 
1 81 ALA n 
1 82 GLN n 
1 83 GLN n 
1 84 ILE n 
1 85 LYS n 
1 86 SER n 
1 87 ILE n 
1 88 ILE n 
1 89 ASP n 
1 90 ILE n 
1 91 MET n 
1 92 GLU n 
1 93 ASN n 
1 94 ASP n 
1 95 THR n 
# 
_entity_src_gen.entity_id                          1 
_entity_src_gen.pdbx_src_id                        1 
_entity_src_gen.pdbx_alt_source_flag               sample 
_entity_src_gen.pdbx_seq_type                      ? 
_entity_src_gen.pdbx_beg_seq_num                   ? 
_entity_src_gen.pdbx_end_seq_num                   ? 
_entity_src_gen.gene_src_common_name               ? 
_entity_src_gen.gene_src_genus                     Archaeoglobus 
_entity_src_gen.pdbx_gene_src_gene                 AF_1382 
_entity_src_gen.gene_src_species                   'Archaeoglobus fulgidus' 
_entity_src_gen.gene_src_strain                    'VC-16, JCM 9628, NBRC 100126' 
_entity_src_gen.gene_src_tissue                    ? 
_entity_src_gen.gene_src_tissue_fraction           ? 
_entity_src_gen.gene_src_details                   ? 
_entity_src_gen.pdbx_gene_src_fragment             ? 
_entity_src_gen.pdbx_gene_src_scientific_name      'Archaeoglobus fulgidus DSM 4304' 
_entity_src_gen.pdbx_gene_src_ncbi_taxonomy_id     224325 
_entity_src_gen.pdbx_gene_src_variant              ? 
_entity_src_gen.pdbx_gene_src_cell_line            ? 
_entity_src_gen.pdbx_gene_src_atcc                 49558 
_entity_src_gen.pdbx_gene_src_organ                ? 
_entity_src_gen.pdbx_gene_src_organelle            ? 
_entity_src_gen.pdbx_gene_src_cell                 ? 
_entity_src_gen.pdbx_gene_src_cellular_location    ? 
_entity_src_gen.host_org_common_name               ? 
_entity_src_gen.pdbx_host_org_scientific_name      'Escherichia coli' 
_entity_src_gen.pdbx_host_org_ncbi_taxonomy_id     562 
_entity_src_gen.host_org_genus                     Escherichia 
_entity_src_gen.pdbx_host_org_gene                 ? 
_entity_src_gen.pdbx_host_org_organ                ? 
_entity_src_gen.host_org_species                   ? 
_entity_src_gen.pdbx_host_org_tissue               ? 
_entity_src_gen.pdbx_host_org_tissue_fraction      ? 
_entity_src_gen.pdbx_host_org_strain               'BL21(DE3)-RPX' 
_entity_src_gen.pdbx_host_org_variant              ? 
_entity_src_gen.pdbx_host_org_cell_line            ? 
_entity_src_gen.pdbx_host_org_atcc                 ? 
_entity_src_gen.pdbx_host_org_culture_collection   ? 
_entity_src_gen.pdbx_host_org_cell                 ? 
_entity_src_gen.pdbx_host_org_organelle            ? 
_entity_src_gen.pdbx_host_org_cellular_location    ? 
_entity_src_gen.pdbx_host_org_vector_type          Plasmid 
_entity_src_gen.pdbx_host_org_vector               ? 
_entity_src_gen.host_org_details                   ? 
_entity_src_gen.expression_system_id               ? 
_entity_src_gen.plasmid_name                       pDEST-527 
_entity_src_gen.plasmid_details                    ? 
_entity_src_gen.pdbx_description                   ? 
# 
loop_
_chem_comp.id 
_chem_comp.type 
_chem_comp.mon_nstd_flag 
_chem_comp.name 
_chem_comp.pdbx_synonyms 
_chem_comp.formula 
_chem_comp.formula_weight 
ALA 'L-peptide linking' y ALANINE         ? 'C3 H7 N O2'     89.093  
ARG 'L-peptide linking' y ARGININE        ? 'C6 H15 N4 O2 1' 175.209 
ASN 'L-peptide linking' y ASPARAGINE      ? 'C4 H8 N2 O3'    132.118 
ASP 'L-peptide linking' y 'ASPARTIC ACID' ? 'C4 H7 N O4'     133.103 
CYS 'L-peptide linking' y CYSTEINE        ? 'C3 H7 N O2 S'   121.158 
GLN 'L-peptide linking' y GLUTAMINE       ? 'C5 H10 N2 O3'   146.144 
GLU 'L-peptide linking' y 'GLUTAMIC ACID' ? 'C5 H9 N O4'     147.129 
GLY 'peptide linking'   y GLYCINE         ? 'C2 H5 N O2'     75.067  
HIS 'L-peptide linking' y HISTIDINE       ? 'C6 H10 N3 O2 1' 156.162 
HOH non-polymer         . WATER           ? 'H2 O'           18.015  
ILE 'L-peptide linking' y ISOLEUCINE      ? 'C6 H13 N O2'    131.173 
LEU 'L-peptide linking' y LEUCINE         ? 'C6 H13 N O2'    131.173 
LYS 'L-peptide linking' y LYSINE          ? 'C6 H15 N2 O2 1' 147.195 
MET 'L-peptide linking' y METHIONINE      ? 'C5 H11 N O2 S'  149.211 
PHE 'L-peptide linking' y PHENYLALANINE   ? 'C9 H11 N O2'    165.189 
PRO 'L-peptide linking' y PROLINE         ? 'C5 H9 N O2'     115.130 
SER 'L-peptide linking' y SERINE          ? 'C3 H7 N O3'     105.093 
THR 'L-peptide linking' y THREONINE       ? 'C4 H9 N O3'     119.119 
TRP 'L-peptide linking' y TRYPTOPHAN      ? 'C11 H12 N2 O2'  204.225 
TYR 'L-peptide linking' y TYROSINE        ? 'C9 H11 N O3'    181.189 
VAL 'L-peptide linking' y VALINE          ? 'C5 H11 N O2'    117.146 
# 
loop_
_pdbx_poly_seq_scheme.asym_id 
_pdbx_poly_seq_scheme.entity_id 
_pdbx_poly_seq_scheme.seq_id 
_pdbx_poly_seq_scheme.mon_id 
_pdbx_poly_seq_scheme.ndb_seq_num 
_pdbx_poly_seq_scheme.pdb_seq_num 
_pdbx_poly_seq_scheme.auth_seq_num 
_pdbx_poly_seq_scheme.pdb_mon_id 
_pdbx_poly_seq_scheme.auth_mon_id 
_pdbx_poly_seq_scheme.pdb_strand_id 
_pdbx_poly_seq_scheme.pdb_ins_code 
_pdbx_poly_seq_scheme.hetero 
A 1 1  MET 1  1  ?  ?   ?   A . n 
A 1 2  GLU 2  2  ?  ?   ?   A . n 
A 1 3  ASP 3  3  ?  ?   ?   A . n 
A 1 4  GLU 4  4  ?  ?   ?   A . n 
A 1 5  ARG 5  5  5  ARG ARG A . n 
A 1 6  ILE 6  6  6  ILE ILE A . n 
A 1 7  LYS 7  7  7  LYS LYS A . n 
A 1 8  LEU 8  8  8  LEU LEU A . n 
A 1 9  LEU 9  9  9  LEU LEU A . n 
A 1 10 PHE 10 10 10 PHE PHE A . n 
A 1 11 LYS 11 11 11 LYS LYS A . n 
A 1 12 GLU 12 12 12 GLU GLU A . n 
A 1 13 LYS 13 13 13 LYS LYS A . n 
A 1 14 ALA 14 14 14 ALA ALA A . n 
A 1 15 LEU 15 15 15 LEU LEU A . n 
A 1 16 GLU 16 16 16 GLU GLU A . n 
A 1 17 ILE 17 17 17 ILE ILE A . n 
A 1 18 LEU 18 18 18 LEU LEU A . n 
A 1 19 MET 19 19 19 MET MET A . n 
A 1 20 THR 20 20 20 THR THR A . n 
A 1 21 ILE 21 21 21 ILE ILE A . n 
A 1 22 TYR 22 22 22 TYR TYR A . n 
A 1 23 TYR 23 23 23 TYR TYR A . n 
A 1 24 GLU 24 24 24 GLU GLU A . n 
A 1 25 SER 25 25 25 SER SER A . n 
A 1 26 LEU 26 26 26 LEU LEU A . n 
A 1 27 GLY 27 27 27 GLY GLY A . n 
A 1 28 GLY 28 28 28 GLY GLY A . n 
A 1 29 ASN 29 29 29 ASN ASN A . n 
A 1 30 ASP 30 30 30 ASP ASP A . n 
A 1 31 VAL 31 31 31 VAL VAL A . n 
A 1 32 TYR 32 32 32 TYR TYR A . n 
A 1 33 ILE 33 33 33 ILE ILE A . n 
A 1 34 GLN 34 34 34 GLN GLN A . n 
A 1 35 TYR 35 35 35 TYR TYR A . n 
A 1 36 ILE 36 36 36 ILE ILE A . n 
A 1 37 ALA 37 37 37 ALA ALA A . n 
A 1 38 SER 38 38 38 SER SER A . n 
A 1 39 LYS 39 39 39 LYS LYS A . n 
A 1 40 VAL 40 40 40 VAL VAL A . n 
A 1 41 ASN 41 41 41 ASN ASN A . n 
A 1 42 SER 42 42 42 SER SER A . n 
A 1 43 PRO 43 43 43 PRO PRO A . n 
A 1 44 HIS 44 44 44 HIS HIS A . n 
A 1 45 SER 45 45 45 SER SER A . n 
A 1 46 TYR 46 46 46 TYR TYR A . n 
A 1 47 VAL 47 47 47 VAL VAL A . n 
A 1 48 TRP 48 48 48 TRP TRP A . n 
A 1 49 LEU 49 49 49 LEU LEU A . n 
A 1 50 ILE 50 50 50 ILE ILE A . n 
A 1 51 ILE 51 51 51 ILE ILE A . n 
A 1 52 LYS 52 52 52 LYS LYS A . n 
A 1 53 LYS 53 53 53 LYS LYS A . n 
A 1 54 PHE 54 54 54 PHE PHE A . n 
A 1 55 GLU 55 55 55 GLU GLU A . n 
A 1 56 GLU 56 56 56 GLU GLU A . n 
A 1 57 ALA 57 57 57 ALA ALA A . n 
A 1 58 LYS 58 58 58 LYS LYS A . n 
A 1 59 MET 59 59 59 MET MET A . n 
A 1 60 VAL 60 60 60 VAL VAL A . n 
A 1 61 GLU 61 61 61 GLU GLU A . n 
A 1 62 CYS 62 62 62 CYS CYS A . n 
A 1 63 GLU 63 63 63 GLU GLU A . n 
A 1 64 LEU 64 64 64 LEU LEU A . n 
A 1 65 GLU 65 65 65 GLU GLU A . n 
A 1 66 GLY 66 66 66 GLY GLY A . n 
A 1 67 ARG 67 67 67 ARG ARG A . n 
A 1 68 THR 68 68 68 THR THR A . n 
A 1 69 LYS 69 69 69 LYS LYS A . n 
A 1 70 ILE 70 70 70 ILE ILE A . n 
A 1 71 ILE 71 71 71 ILE ILE A . n 
A 1 72 ARG 72 72 72 ARG ARG A . n 
A 1 73 LEU 73 73 73 LEU LEU A . n 
A 1 74 THR 74 74 74 THR THR A . n 
A 1 75 ASP 75 75 75 ASP ASP A . n 
A 1 76 LYS 76 76 76 LYS LYS A . n 
A 1 77 GLY 77 77 77 GLY GLY A . n 
A 1 78 GLN 78 78 78 GLN GLN A . n 
A 1 79 LYS 79 79 79 LYS LYS A . n 
A 1 80 ILE 80 80 80 ILE ILE A . n 
A 1 81 ALA 81 81 81 ALA ALA A . n 
A 1 82 GLN 82 82 82 GLN GLN A . n 
A 1 83 GLN 83 83 83 GLN GLN A . n 
A 1 84 ILE 84 84 84 ILE ILE A . n 
A 1 85 LYS 85 85 85 LYS LYS A . n 
A 1 86 SER 86 86 86 SER SER A . n 
A 1 87 ILE 87 87 87 ILE ILE A . n 
A 1 88 ILE 88 88 88 ILE ILE A . n 
A 1 89 ASP 89 89 89 ASP ASP A . n 
A 1 90 ILE 90 90 90 ILE ILE A . n 
A 1 91 MET 91 91 91 MET MET A . n 
A 1 92 GLU 92 92 ?  ?   ?   A . n 
A 1 93 ASN 93 93 ?  ?   ?   A . n 
A 1 94 ASP 94 94 ?  ?   ?   A . n 
A 1 95 THR 95 95 ?  ?   ?   A . n 
# 
loop_
_pdbx_nonpoly_scheme.asym_id 
_pdbx_nonpoly_scheme.entity_id 
_pdbx_nonpoly_scheme.mon_id 
_pdbx_nonpoly_scheme.ndb_seq_num 
_pdbx_nonpoly_scheme.pdb_seq_num 
_pdbx_nonpoly_scheme.auth_seq_num 
_pdbx_nonpoly_scheme.pdb_mon_id 
_pdbx_nonpoly_scheme.auth_mon_id 
_pdbx_nonpoly_scheme.pdb_strand_id 
_pdbx_nonpoly_scheme.pdb_ins_code 
B 2 HOH 1  96  1  HOH HOH A . 
B 2 HOH 2  97  2  HOH HOH A . 
B 2 HOH 3  98  3  HOH HOH A . 
B 2 HOH 4  99  4  HOH HOH A . 
B 2 HOH 5  100 5  HOH HOH A . 
B 2 HOH 6  101 6  HOH HOH A . 
B 2 HOH 7  102 7  HOH HOH A . 
B 2 HOH 8  103 8  HOH HOH A . 
B 2 HOH 9  104 9  HOH HOH A . 
B 2 HOH 10 105 10 HOH HOH A . 
B 2 HOH 11 106 11 HOH HOH A . 
B 2 HOH 12 107 12 HOH HOH A . 
B 2 HOH 13 108 13 HOH HOH A . 
B 2 HOH 14 109 14 HOH HOH A . 
B 2 HOH 15 110 15 HOH HOH A . 
B 2 HOH 16 111 16 HOH HOH A . 
B 2 HOH 17 112 17 HOH HOH A . 
B 2 HOH 18 113 18 HOH HOH A . 
B 2 HOH 19 114 19 HOH HOH A . 
B 2 HOH 20 115 20 HOH HOH A . 
B 2 HOH 21 116 21 HOH HOH A . 
B 2 HOH 22 117 22 HOH HOH A . 
B 2 HOH 23 118 23 HOH HOH A . 
B 2 HOH 24 119 24 HOH HOH A . 
B 2 HOH 25 120 25 HOH HOH A . 
B 2 HOH 26 121 26 HOH HOH A . 
B 2 HOH 27 122 27 HOH HOH A . 
B 2 HOH 28 123 28 HOH HOH A . 
B 2 HOH 29 124 29 HOH HOH A . 
B 2 HOH 30 125 30 HOH HOH A . 
B 2 HOH 31 126 31 HOH HOH A . 
B 2 HOH 32 127 32 HOH HOH A . 
B 2 HOH 33 128 33 HOH HOH A . 
B 2 HOH 34 129 34 HOH HOH A . 
B 2 HOH 35 130 36 HOH HOH A . 
B 2 HOH 36 131 37 HOH HOH A . 
B 2 HOH 37 132 38 HOH HOH A . 
B 2 HOH 38 133 39 HOH HOH A . 
# 
loop_
_pdbx_unobs_or_zero_occ_atoms.id 
_pdbx_unobs_or_zero_occ_atoms.PDB_model_num 
_pdbx_unobs_or_zero_occ_atoms.polymer_flag 
_pdbx_unobs_or_zero_occ_atoms.occupancy_flag 
_pdbx_unobs_or_zero_occ_atoms.auth_asym_id 
_pdbx_unobs_or_zero_occ_atoms.auth_comp_id 
_pdbx_unobs_or_zero_occ_atoms.auth_seq_id 
_pdbx_unobs_or_zero_occ_atoms.PDB_ins_code 
_pdbx_unobs_or_zero_occ_atoms.auth_atom_id 
_pdbx_unobs_or_zero_occ_atoms.label_alt_id 
_pdbx_unobs_or_zero_occ_atoms.label_asym_id 
_pdbx_unobs_or_zero_occ_atoms.label_comp_id 
_pdbx_unobs_or_zero_occ_atoms.label_seq_id 
_pdbx_unobs_or_zero_occ_atoms.label_atom_id 
1  1 Y 0 A ILE 6  ? CD1 ? A ILE 6  CD1 
2  1 Y 0 A LYS 7  ? CG  ? A LYS 7  CG  
3  1 Y 0 A LYS 7  ? CD  ? A LYS 7  CD  
4  1 Y 0 A LYS 7  ? CE  ? A LYS 7  CE  
5  1 Y 0 A LYS 7  ? NZ  ? A LYS 7  NZ  
6  1 Y 0 A LEU 8  ? CD1 ? A LEU 8  CD1 
7  1 Y 0 A ASN 41 ? OD1 ? A ASN 41 OD1 
8  1 Y 0 A ASN 41 ? ND2 ? A ASN 41 ND2 
9  1 Y 0 A TRP 48 ? CE3 ? A TRP 48 CE3 
10 1 Y 0 A TRP 48 ? CZ2 ? A TRP 48 CZ2 
11 1 Y 0 A TRP 48 ? CZ3 ? A TRP 48 CZ3 
12 1 Y 0 A TRP 48 ? CH2 ? A TRP 48 CH2 
13 1 Y 0 A LEU 49 ? CD1 ? A LEU 49 CD1 
14 1 Y 0 A LYS 52 ? CE  ? A LYS 52 CE  
15 1 Y 0 A LYS 52 ? NZ  ? A LYS 52 NZ  
16 1 Y 0 A LYS 53 ? NZ  ? A LYS 53 NZ  
17 1 Y 0 A GLU 56 ? CG  ? A GLU 56 CG  
18 1 Y 0 A GLU 56 ? OE2 ? A GLU 56 OE2 
19 1 Y 0 A LYS 58 ? CD  ? A LYS 58 CD  
20 1 Y 0 A LYS 58 ? CE  ? A LYS 58 CE  
21 1 Y 0 A ARG 67 ? CD  ? A ARG 67 CD  
# 
loop_
_software.name 
_software.classification 
_software.version 
_software.citation_id 
_software.pdbx_ordinal 
SGXPRO   'model building'  .        ? 1 
REFMAC   refinement        5.2.0019 ? 2 
SERGUI   'data collection' .        ? 3 
HKL-2000 'data reduction'  .        ? 4 
HKL-2000 'data scaling'    .        ? 5 
SGXPRO   phasing           .        ? 6 
# 
_cell.entry_id           2QVO 
_cell.length_a           53.033 
_cell.length_b           53.033 
_cell.length_c           40.968 
_cell.angle_alpha        90.00 
_cell.angle_beta         90.00 
_cell.angle_gamma        90.00 
_cell.Z_PDB              4 
_cell.pdbx_unique_axis   ? 
_cell.length_a_esd       ? 
_cell.length_b_esd       ? 
_cell.length_c_esd       ? 
_cell.angle_alpha_esd    ? 
_cell.angle_beta_esd     ? 
_cell.angle_gamma_esd    ? 
# 
_symmetry.entry_id                         2QVO 
_symmetry.space_group_name_H-M             'P 42' 
_symmetry.pdbx_full_space_group_name_H-M   ? 
_symmetry.cell_setting                     ? 
_symmetry.Int_Tables_number                77 
_symmetry.space_group_name_Hall            ? 
# 
_exptl.entry_id          2QVO 
_exptl.method            'X-RAY DIFFRACTION' 
_exptl.crystals_number   1 
# 
_exptl_crystal.id                    1 
_exptl_crystal.density_meas          ? 
_exptl_crystal.density_Matthews      2.70 
_exptl_crystal.density_percent_sol   54.4 
_exptl_crystal.description           ? 
_exptl_crystal.F_000                 ? 
_exptl_crystal.preparation           ? 
# 
_exptl_crystal_grow.crystal_id      1 
_exptl_crystal_grow.method          MICROBATCH 
_exptl_crystal_grow.temp            291 
_exptl_crystal_grow.temp_details    ? 
_exptl_crystal_grow.pH              4.6 
_exptl_crystal_grow.pdbx_details    
;USING 1.0 MICROLITER DROPS CONTAINING EQUAL VOLUMES OF PROTEIN CONCENTRATE (2.8 mg/ml) AND SOLUTION CONTAINING 0.2 M AMMONIUM SULFATE, 0.1 M SODIUM ACETATE, 30% w/v POLYETHYLENE GLYCOL MONOMETHYL ETHER, pH 4.6, MICROBATCH, temperature 291K
;
_exptl_crystal_grow.pdbx_pH_range   . 
# 
_diffrn.id                     1 
_diffrn.ambient_temp           100 
_diffrn.ambient_temp_details   ? 
_diffrn.crystal_id             1 
# 
_diffrn_detector.diffrn_id              1 
_diffrn_detector.detector               CCD 
_diffrn_detector.type                   'MARMOSAIC 300 mm CCD' 
_diffrn_detector.pdbx_collection_date   2007-08-01 
_diffrn_detector.details                ROSENBAUM 
# 
_diffrn_radiation.diffrn_id                        1 
_diffrn_radiation.wavelength_id                    1 
_diffrn_radiation.pdbx_monochromatic_or_laue_m_l   M 
_diffrn_radiation.monochromator                    'SI CHANNEL 220' 
_diffrn_radiation.pdbx_diffrn_protocol             'SINGLE WAVELENGTH' 
_diffrn_radiation.pdbx_scattering_type             x-ray 
# 
loop_
_diffrn_radiation_wavelength.id 
_diffrn_radiation_wavelength.wavelength 
_diffrn_radiation_wavelength.wt 
1 0.97240 1.0 
2 1.90000 1.0 
# 
_diffrn_source.diffrn_id                   1 
_diffrn_source.source                      SYNCHROTRON 
_diffrn_source.type                        'APS BEAMLINE 22-ID' 
_diffrn_source.pdbx_synchrotron_site       APS 
_diffrn_source.pdbx_synchrotron_beamline   22-ID 
_diffrn_source.pdbx_wavelength             ? 
_diffrn_source.pdbx_wavelength_list        '0.97240, 1.90000' 
# 
_reflns.entry_id                     2QVO 
_reflns.observed_criterion_sigma_I   ? 
_reflns.observed_criterion_sigma_F   ? 
_reflns.d_resolution_low             50 
_reflns.d_resolution_high            1.85 
_reflns.number_obs                   19060 
_reflns.number_all                   ? 
_reflns.percent_possible_obs         99.9 
_reflns.pdbx_Rmerge_I_obs            ? 
_reflns.pdbx_Rsym_value              0.051 
_reflns.pdbx_netI_over_sigmaI        12.96 
_reflns.B_iso_Wilson_estimate        ? 
_reflns.pdbx_redundancy              13.3 
_reflns.R_free_details               ? 
_reflns.limit_h_max                  ? 
_reflns.limit_h_min                  ? 
_reflns.limit_k_max                  ? 
_reflns.limit_k_min                  ? 
_reflns.limit_l_max                  ? 
_reflns.limit_l_min                  ? 
_reflns.observed_criterion_F_max     ? 
_reflns.observed_criterion_F_min     ? 
_reflns.pdbx_chi_squared             ? 
_reflns.pdbx_scaling_rejects         ? 
_reflns.pdbx_diffrn_id               1 
_reflns.pdbx_ordinal                 1 
# 
_reflns_shell.d_res_high             1.85 
_reflns_shell.d_res_low              1.92 
_reflns_shell.percent_possible_all   99.8 
_reflns_shell.Rmerge_I_obs           ? 
_reflns_shell.pdbx_Rsym_value        0.233 
_reflns_shell.meanI_over_sigI_obs    ? 
_reflns_shell.pdbx_redundancy        12.5 
_reflns_shell.percent_possible_obs   ? 
_reflns_shell.number_unique_all      ? 
_reflns_shell.number_measured_all    ? 
_reflns_shell.number_measured_obs    ? 
_reflns_shell.number_unique_obs      ? 
_reflns_shell.pdbx_chi_squared       ? 
_reflns_shell.pdbx_diffrn_id         ? 
_reflns_shell.pdbx_ordinal           1 
# 
_refine.entry_id                                 2QVO 
_refine.ls_number_reflns_obs                     9373 
_refine.ls_number_reflns_all                     ? 
_refine.pdbx_ls_sigma_I                          ? 
_refine.pdbx_ls_sigma_F                          ? 
_refine.pdbx_data_cutoff_high_absF               ? 
_refine.pdbx_data_cutoff_low_absF                ? 
_refine.pdbx_data_cutoff_high_rms_absF           ? 
_refine.ls_d_res_low                             37.50 
_refine.ls_d_res_high                            1.85 
_refine.ls_percent_reflns_obs                    99.89 
_refine.ls_R_factor_obs                          0.23874 
_refine.ls_R_factor_all                          ? 
_refine.ls_R_factor_R_work                       0.23661 
_refine.ls_R_factor_R_free                       0.27983 
_refine.ls_R_factor_R_free_error                 ? 
_refine.ls_R_factor_R_free_error_details         ? 
_refine.ls_percent_reflns_R_free                 4.8 
_refine.ls_number_reflns_R_free                  475 
_refine.ls_number_parameters                     ? 
_refine.ls_number_restraints                     ? 
_refine.occupancy_min                            ? 
_refine.occupancy_max                            ? 
_refine.correlation_coeff_Fo_to_Fc               0.930 
_refine.correlation_coeff_Fo_to_Fc_free          0.897 
_refine.B_iso_mean                               23.008 
_refine.aniso_B[1][1]                            -0.19 
_refine.aniso_B[2][2]                            -0.19 
_refine.aniso_B[3][3]                            0.38 
_refine.aniso_B[1][2]                            0.00 
_refine.aniso_B[1][3]                            0.00 
_refine.aniso_B[2][3]                            0.00 
_refine.solvent_model_details                    MASK 
_refine.solvent_model_param_ksol                 ? 
_refine.solvent_model_param_bsol                 ? 
_refine.pdbx_solvent_vdw_probe_radii             1.20 
_refine.pdbx_solvent_ion_probe_radii             0.80 
_refine.pdbx_solvent_shrinkage_radii             0.80 
_refine.pdbx_ls_cross_valid_method               THROUGHOUT 
_refine.details                                  
;1. Initial phases were obtained from sulfur phasing using data collected at wavelength 1.90000 A. Then the structure was refined using 0.9724 A - wavelength data and deposited in PDB. 2. The Bijvoet differences were used for phasing. 3. HYDROGENS HAVE BEEN ADDED IN THE RIDING POSITIONS.
;
_refine.pdbx_starting_model                      ? 
_refine.pdbx_method_to_determine_struct          'Sulfur SAD' 
_refine.pdbx_isotropic_thermal_model             ? 
_refine.pdbx_stereochemistry_target_values       'MAXIMUM LIKELIHOOD' 
_refine.pdbx_stereochem_target_val_spec_case     ? 
_refine.pdbx_R_Free_selection_details            RANDOM 
_refine.pdbx_overall_ESU_R                       0.150 
_refine.pdbx_overall_ESU_R_Free                  0.147 
_refine.overall_SU_ML                            ? 
_refine.overall_SU_B                             ? 
_refine.ls_redundancy_reflns_obs                 ? 
_refine.B_iso_min                                ? 
_refine.B_iso_max                                ? 
_refine.overall_SU_R_Cruickshank_DPI             ? 
_refine.overall_SU_R_free                        ? 
_refine.ls_wR_factor_R_free                      ? 
_refine.ls_wR_factor_R_work                      ? 
_refine.overall_FOM_free_R_set                   ? 
_refine.overall_FOM_work_R_set                   ? 
_refine.pdbx_refine_id                           'X-RAY DIFFRACTION' 
_refine.pdbx_overall_phase_error                 ? 
_refine.pdbx_diffrn_id                           1 
_refine.pdbx_TLS_residual_ADP_flag               ? 
_refine.pdbx_overall_SU_R_free_Cruickshank_DPI   ? 
_refine.pdbx_overall_SU_R_Blow_DPI               ? 
_refine.pdbx_overall_SU_R_free_Blow_DPI          ? 
# 
_refine_hist.pdbx_refine_id                   'X-RAY DIFFRACTION' 
_refine_hist.cycle_id                         LAST 
_refine_hist.pdbx_number_atoms_protein        714 
_refine_hist.pdbx_number_atoms_nucleic_acid   0 
_refine_hist.pdbx_number_atoms_ligand         0 
_refine_hist.number_atoms_solvent             38 
_refine_hist.number_atoms_total               752 
_refine_hist.d_res_high                       1.85 
_refine_hist.d_res_low                        37.50 
# 
loop_
_refine_ls_restr.type 
_refine_ls_restr.dev_ideal 
_refine_ls_restr.dev_ideal_target 
_refine_ls_restr.weight 
_refine_ls_restr.number 
_refine_ls_restr.pdbx_refine_id 
_refine_ls_restr.pdbx_restraint_function 
r_bond_refined_d             0.010  0.022  ? 699 'X-RAY DIFFRACTION' ? 
r_bond_other_d               ?      ?      ? ?   'X-RAY DIFFRACTION' ? 
r_angle_refined_deg          1.121  1.984  ? 935 'X-RAY DIFFRACTION' ? 
r_angle_other_deg            ?      ?      ? ?   'X-RAY DIFFRACTION' ? 
r_dihedral_angle_1_deg       5.619  5.000  ? 86  'X-RAY DIFFRACTION' ? 
r_dihedral_angle_2_deg       36.380 25.000 ? 26  'X-RAY DIFFRACTION' ? 
r_dihedral_angle_3_deg       13.483 15.000 ? 142 'X-RAY DIFFRACTION' ? 
r_dihedral_angle_4_deg       5.142  15.000 ? 2   'X-RAY DIFFRACTION' ? 
r_chiral_restr               0.075  0.200  ? 110 'X-RAY DIFFRACTION' ? 
r_gen_planes_refined         0.004  0.020  ? 488 'X-RAY DIFFRACTION' ? 
r_gen_planes_other           ?      ?      ? ?   'X-RAY DIFFRACTION' ? 
r_nbd_refined                0.220  0.200  ? 289 'X-RAY DIFFRACTION' ? 
r_nbd_other                  ?      ?      ? ?   'X-RAY DIFFRACTION' ? 
r_nbtor_refined              0.302  0.200  ? 503 'X-RAY DIFFRACTION' ? 
r_nbtor_other                ?      ?      ? ?   'X-RAY DIFFRACTION' ? 
r_xyhbond_nbd_refined        0.119  0.200  ? 37  'X-RAY DIFFRACTION' ? 
r_xyhbond_nbd_other          ?      ?      ? ?   'X-RAY DIFFRACTION' ? 
r_metal_ion_refined          ?      ?      ? ?   'X-RAY DIFFRACTION' ? 
r_metal_ion_other            ?      ?      ? ?   'X-RAY DIFFRACTION' ? 
r_symmetry_vdw_refined       0.185  0.200  ? 48  'X-RAY DIFFRACTION' ? 
r_symmetry_vdw_other         ?      ?      ? ?   'X-RAY DIFFRACTION' ? 
r_symmetry_hbond_refined     0.184  0.200  ? 7   'X-RAY DIFFRACTION' ? 
r_symmetry_hbond_other       ?      ?      ? ?   'X-RAY DIFFRACTION' ? 
r_symmetry_metal_ion_refined ?      ?      ? ?   'X-RAY DIFFRACTION' ? 
r_symmetry_metal_ion_other   ?      ?      ? ?   'X-RAY DIFFRACTION' ? 
r_mcbond_it                  0.713  1.500  ? 431 'X-RAY DIFFRACTION' ? 
r_mcbond_other               ?      ?      ? ?   'X-RAY DIFFRACTION' ? 
r_mcangle_it                 1.329  2.000  ? 699 'X-RAY DIFFRACTION' ? 
r_scbond_it                  1.994  3.000  ? 268 'X-RAY DIFFRACTION' ? 
r_scangle_it                 3.166  4.500  ? 236 'X-RAY DIFFRACTION' ? 
r_rigid_bond_restr           ?      ?      ? ?   'X-RAY DIFFRACTION' ? 
r_sphericity_free            ?      ?      ? ?   'X-RAY DIFFRACTION' ? 
r_sphericity_bonded          ?      ?      ? ?   'X-RAY DIFFRACTION' ? 
# 
_refine_ls_shell.pdbx_total_number_of_bins_used   20 
_refine_ls_shell.d_res_high                       1.850 
_refine_ls_shell.d_res_low                        1.898 
_refine_ls_shell.number_reflns_R_work             691 
_refine_ls_shell.R_factor_R_work                  0.345 
_refine_ls_shell.percent_reflns_obs               99.72 
_refine_ls_shell.R_factor_R_free                  0.338 
_refine_ls_shell.R_factor_R_free_error            ? 
_refine_ls_shell.percent_reflns_R_free            ? 
_refine_ls_shell.number_reflns_R_free             31 
_refine_ls_shell.number_reflns_all                ? 
_refine_ls_shell.R_factor_all                     ? 
_refine_ls_shell.number_reflns_obs                ? 
_refine_ls_shell.redundancy_reflns_obs            ? 
_refine_ls_shell.pdbx_refine_id                   'X-RAY DIFFRACTION' 
# 
_struct.entry_id                  2QVO 
_struct.title                     'Crystal structure of AF1382 from Archaeoglobus fulgidus' 
_struct.pdbx_model_details        ? 
_struct.pdbx_CASP_flag            ? 
_struct.pdbx_model_type_details   ? 
# 
_struct_keywords.entry_id        2QVO 
_struct_keywords.pdbx_keywords   'STRUCTURAL GENOMICS, UNKNOWN FUNCTION' 
_struct_keywords.text            
;AF1382, Archaeoglobus fulgidus, PSI, STRUCTURAL GENOMICS, SOUTHEAST COLLABORATORY FOR STRUCTURAL GENOMICS, Protein Structure Initiative, SECSG, UNKNOWN FUNCTION
;
# 
loop_
_struct_asym.id 
_struct_asym.pdbx_blank_PDB_chainid_flag 
_struct_asym.pdbx_modified 
_struct_asym.entity_id 
_struct_asym.details 
A N N 1 ? 
B N N 2 ? 
# 
_struct_ref.id                         1 
_struct_ref.db_name                    UNP 
_struct_ref.db_code                    Y1382_ARCFU 
_struct_ref.pdbx_db_accession          O28889 
_struct_ref.entity_id                  1 
_struct_ref.pdbx_seq_one_letter_code   
;MEDERIKLLFKEKALEILMTIYYESLGGNDVYIQYIASKVNSPHSYVWLIIKKFEEAKMVECELEGRTKIIRLTDKGQKI
AQQIKSIIDIMENDT
;
_struct_ref.pdbx_align_begin           1 
_struct_ref.pdbx_db_isoform            ? 
# 
_struct_ref_seq.align_id                      1 
_struct_ref_seq.ref_id                        1 
_struct_ref_seq.pdbx_PDB_id_code              2QVO 
_struct_ref_seq.pdbx_strand_id                A 
_struct_ref_seq.seq_align_beg                 1 
_struct_ref_seq.pdbx_seq_align_beg_ins_code   ? 
_struct_ref_seq.seq_align_end                 95 
_struct_ref_seq.pdbx_seq_align_end_ins_code   ? 
_struct_ref_seq.pdbx_db_accession             O28889 
_struct_ref_seq.db_align_beg                  1 
_struct_ref_seq.pdbx_db_align_beg_ins_code    ? 
_struct_ref_seq.db_align_end                  95 
_struct_ref_seq.pdbx_db_align_end_ins_code    ? 
_struct_ref_seq.pdbx_auth_seq_align_beg       1 
_struct_ref_seq.pdbx_auth_seq_align_end       95 
# 
loop_
_pdbx_struct_assembly.id 
_pdbx_struct_assembly.details 
_pdbx_struct_assembly.method_details 
_pdbx_struct_assembly.oligomeric_details 
_pdbx_struct_assembly.oligomeric_count 
1 author_defined_assembly   ?    monomeric 1 
2 software_defined_assembly PISA dimeric   2 
# 
_pdbx_struct_assembly_prop.biol_id   2 
_pdbx_struct_assembly_prop.type      'ABSA (A^2)' 
_pdbx_struct_assembly_prop.value     2250 
_pdbx_struct_assembly_prop.details   ? 
# 
loop_
_pdbx_struct_assembly_gen.assembly_id 
_pdbx_struct_assembly_gen.oper_expression 
_pdbx_struct_assembly_gen.asym_id_list 
1 1   A,B 
2 1,2 A,B 
# 
loop_
_pdbx_struct_oper_list.id 
_pdbx_struct_oper_list.type 
_pdbx_struct_oper_list.name 
_pdbx_struct_oper_list.symmetry_operation 
_pdbx_struct_oper_list.matrix[1][1] 
_pdbx_struct_oper_list.matrix[1][2] 
_pdbx_struct_oper_list.matrix[1][3] 
_pdbx_struct_oper_list.vector[1] 
_pdbx_struct_oper_list.matrix[2][1] 
_pdbx_struct_oper_list.matrix[2][2] 
_pdbx_struct_oper_list.matrix[2][3] 
_pdbx_struct_oper_list.vector[2] 
_pdbx_struct_oper_list.matrix[3][1] 
_pdbx_struct_oper_list.matrix[3][2] 
_pdbx_struct_oper_list.matrix[3][3] 
_pdbx_struct_oper_list.vector[3] 
1 'identity operation'         1_555 x,y,z     1.0000000000  0.0000000000 0.0000000000 0.0000000000   0.0000000000 1.0000000000  0.0000000000 0.0000000000  0.0000000000 0.0000000000 1.0000000000  0.0000000000  
2 'crystal symmetry operation' 2_565 -x,-y+1,z -0.6802263252 0.5586481003 0.4745571057 -22.0535157439 0.5586481003 -0.0240356712 0.8290564435 14.9865588388 0.4745571057 0.8290564435 -0.2957380036 -2.7817070624 
# 
_struct_biol.id        1 
_struct_biol.details   ? 
# 
loop_
_struct_conf.conf_type_id 
_struct_conf.id 
_struct_conf.pdbx_PDB_helix_id 
_struct_conf.beg_label_comp_id 
_struct_conf.beg_label_asym_id 
_struct_conf.beg_label_seq_id 
_struct_conf.pdbx_beg_PDB_ins_code 
_struct_conf.end_label_comp_id 
_struct_conf.end_label_asym_id 
_struct_conf.end_label_seq_id 
_struct_conf.pdbx_end_PDB_ins_code 
_struct_conf.beg_auth_comp_id 
_struct_conf.beg_auth_asym_id 
_struct_conf.beg_auth_seq_id 
_struct_conf.end_auth_comp_id 
_struct_conf.end_auth_asym_id 
_struct_conf.end_auth_seq_id 
_struct_conf.pdbx_PDB_helix_class 
_struct_conf.details 
_struct_conf.pdbx_PDB_helix_length 
HELX_P HELX_P1 1 ARG A 5  ? PHE A 10 ? ARG A 5  PHE A 10 1 ? 6  
HELX_P HELX_P2 2 LYS A 11 ? GLY A 27 ? LYS A 11 GLY A 27 1 ? 17 
HELX_P HELX_P3 3 ILE A 33 ? VAL A 40 ? ILE A 33 VAL A 40 1 ? 8  
HELX_P HELX_P4 4 PRO A 43 ? ALA A 57 ? PRO A 43 ALA A 57 1 ? 15 
HELX_P HELX_P5 5 THR A 74 ? MET A 91 ? THR A 74 MET A 91 1 ? 18 
# 
_struct_conf_type.id          HELX_P 
_struct_conf_type.criteria    ? 
_struct_conf_type.reference   ? 
# 
_struct_sheet.id               A 
_struct_sheet.type             ? 
_struct_sheet.number_strands   3 
_struct_sheet.details          ? 
# 
loop_
_struct_sheet_order.sheet_id 
_struct_sheet_order.range_id_1 
_struct_sheet_order.range_id_2 
_struct_sheet_order.offset 
_struct_sheet_order.sense 
A 1 2 ? anti-parallel 
A 2 3 ? anti-parallel 
# 
loop_
_struct_sheet_range.sheet_id 
_struct_sheet_range.id 
_struct_sheet_range.beg_label_comp_id 
_struct_sheet_range.beg_label_asym_id 
_struct_sheet_range.beg_label_seq_id 
_struct_sheet_range.pdbx_beg_PDB_ins_code 
_struct_sheet_range.end_label_comp_id 
_struct_sheet_range.end_label_asym_id 
_struct_sheet_range.end_label_seq_id 
_struct_sheet_range.pdbx_end_PDB_ins_code 
_struct_sheet_range.beg_auth_comp_id 
_struct_sheet_range.beg_auth_asym_id 
_struct_sheet_range.beg_auth_seq_id 
_struct_sheet_range.end_auth_comp_id 
_struct_sheet_range.end_auth_asym_id 
_struct_sheet_range.end_auth_seq_id 
A 1 VAL A 31 ? TYR A 32 ? VAL A 31 TYR A 32 
A 2 THR A 68 ? LEU A 73 ? THR A 68 LEU A 73 
A 3 VAL A 60 ? GLU A 65 ? VAL A 60 GLU A 65 
# 
loop_
_pdbx_struct_sheet_hbond.sheet_id 
_pdbx_struct_sheet_hbond.range_id_1 
_pdbx_struct_sheet_hbond.range_id_2 
_pdbx_struct_sheet_hbond.range_1_label_atom_id 
_pdbx_struct_sheet_hbond.range_1_label_comp_id 
_pdbx_struct_sheet_hbond.range_1_label_asym_id 
_pdbx_struct_sheet_hbond.range_1_label_seq_id 
_pdbx_struct_sheet_hbond.range_1_PDB_ins_code 
_pdbx_struct_sheet_hbond.range_1_auth_atom_id 
_pdbx_struct_sheet_hbond.range_1_auth_comp_id 
_pdbx_struct_sheet_hbond.range_1_auth_asym_id 
_pdbx_struct_sheet_hbond.range_1_auth_seq_id 
_pdbx_struct_sheet_hbond.range_2_label_atom_id 
_pdbx_struct_sheet_hbond.range_2_label_comp_id 
_pdbx_struct_sheet_hbond.range_2_label_asym_id 
_pdbx_struct_sheet_hbond.range_2_label_seq_id 
_pdbx_struct_sheet_hbond.range_2_PDB_ins_code 
_pdbx_struct_sheet_hbond.range_2_auth_atom_id 
_pdbx_struct_sheet_hbond.range_2_auth_comp_id 
_pdbx_struct_sheet_hbond.range_2_auth_asym_id 
_pdbx_struct_sheet_hbond.range_2_auth_seq_id 
A 1 2 N VAL A 31 ? N VAL A 31 O ILE A 71 ? O ILE A 71 
A 2 3 O ILE A 70 ? O ILE A 70 N GLU A 63 ? N GLU A 63 
# 
loop_
_pdbx_validate_rmsd_bond.id 
_pdbx_validate_rmsd_bond.PDB_model_num 
_pdbx_validate_rmsd_bond.auth_atom_id_1 
_pdbx_validate_rmsd_bond.auth_asym_id_1 
_pdbx_validate_rmsd_bond.auth_comp_id_1 
_pdbx_validate_rmsd_bond.auth_seq_id_1 
_pdbx_validate_rmsd_bond.PDB_ins_code_1 
_pdbx_validate_rmsd_bond.label_alt_id_1 
_pdbx_validate_rmsd_bond.auth_atom_id_2 
_pdbx_validate_rmsd_bond.auth_asym_id_2 
_pdbx_validate_rmsd_bond.auth_comp_id_2 
_pdbx_validate_rmsd_bond.auth_seq_id_2 
_pdbx_validate_rmsd_bond.PDB_ins_code_2 
_pdbx_validate_rmsd_bond.label_alt_id_2 
_pdbx_validate_rmsd_bond.bond_value 
_pdbx_validate_rmsd_bond.bond_target_value 
_pdbx_validate_rmsd_bond.bond_deviation 
_pdbx_validate_rmsd_bond.bond_standard_deviation 
_pdbx_validate_rmsd_bond.linker_flag 
1 1 CG A ASN 41 ? ? OD1 A ASN 41 ? ? 1.494 1.235 0.259  0.022 N 
2 1 CG A ASN 41 ? ? ND2 A ASN 41 ? ? 1.123 1.324 -0.201 0.025 N 
3 1 CE A LYS 52 ? ? NZ  A LYS 52 ? ? 0.905 1.486 -0.581 0.025 N 
4 1 CE A LYS 53 ? ? NZ  A LYS 53 ? ? 1.040 1.486 -0.446 0.025 N 
5 1 CG A ARG 67 ? ? CD  A ARG 67 ? ? 1.120 1.515 -0.395 0.025 N 
6 1 CD A ARG 67 ? ? NE  A ARG 67 ? ? 2.287 1.460 0.827  0.017 N 
# 
loop_
_pdbx_validate_rmsd_angle.id 
_pdbx_validate_rmsd_angle.PDB_model_num 
_pdbx_validate_rmsd_angle.auth_atom_id_1 
_pdbx_validate_rmsd_angle.auth_asym_id_1 
_pdbx_validate_rmsd_angle.auth_comp_id_1 
_pdbx_validate_rmsd_angle.auth_seq_id_1 
_pdbx_validate_rmsd_angle.PDB_ins_code_1 
_pdbx_validate_rmsd_angle.label_alt_id_1 
_pdbx_validate_rmsd_angle.auth_atom_id_2 
_pdbx_validate_rmsd_angle.auth_asym_id_2 
_pdbx_validate_rmsd_angle.auth_comp_id_2 
_pdbx_validate_rmsd_angle.auth_seq_id_2 
_pdbx_validate_rmsd_angle.PDB_ins_code_2 
_pdbx_validate_rmsd_angle.label_alt_id_2 
_pdbx_validate_rmsd_angle.auth_atom_id_3 
_pdbx_validate_rmsd_angle.auth_asym_id_3 
_pdbx_validate_rmsd_angle.auth_comp_id_3 
_pdbx_validate_rmsd_angle.auth_seq_id_3 
_pdbx_validate_rmsd_angle.PDB_ins_code_3 
_pdbx_validate_rmsd_angle.label_alt_id_3 
_pdbx_validate_rmsd_angle.angle_value 
_pdbx_validate_rmsd_angle.angle_target_value 
_pdbx_validate_rmsd_angle.angle_deviation 
_pdbx_validate_rmsd_angle.angle_standard_deviation 
_pdbx_validate_rmsd_angle.linker_flag 
1  1 OD1 A ASN 41 ? ? CG  A ASN 41 ? ? ND2 A ASN 41 ? ? 89.97  121.90 -31.93 2.30 N 
2  1 CB  A ASN 41 ? ? CG  A ASN 41 ? ? ND2 A ASN 41 ? ? 139.51 116.70 22.81  2.40 N 
3  1 NE1 A TRP 48 ? ? CE2 A TRP 48 ? ? CZ2 A TRP 48 ? ? 141.31 130.40 10.91  1.10 N 
4  1 CD2 A TRP 48 ? ? CE2 A TRP 48 ? ? CZ2 A TRP 48 ? ? 110.35 122.30 -11.95 1.20 N 
5  1 CE2 A TRP 48 ? ? CD2 A TRP 48 ? ? CE3 A TRP 48 ? ? 130.40 118.70 11.70  1.20 N 
6  1 CG  A TRP 48 ? ? CD2 A TRP 48 ? ? CE3 A TRP 48 ? ? 121.20 133.90 -12.70 0.90 N 
7  1 CH2 A TRP 48 ? ? CZ2 A TRP 48 ? ? CE2 A TRP 48 ? ? 124.89 117.40 7.49   1.00 N 
8  1 CD  A LYS 52 ? ? CE  A LYS 52 ? ? NZ  A LYS 52 ? ? 159.60 111.70 47.90  2.30 N 
9  1 CB  A ARG 67 ? ? CG  A ARG 67 ? ? CD  A ARG 67 ? ? 153.54 111.60 41.94  2.60 N 
10 1 CG  A ARG 67 ? ? CD  A ARG 67 ? ? NE  A ARG 67 ? ? 171.87 111.80 60.07  2.10 N 
11 1 CD  A ARG 67 ? ? NE  A ARG 67 ? ? CZ  A ARG 67 ? ? 90.38  123.60 -33.22 1.40 N 
# 
_pdbx_validate_torsion.id              1 
_pdbx_validate_torsion.PDB_model_num   1 
_pdbx_validate_torsion.auth_comp_id    ASN 
_pdbx_validate_torsion.auth_asym_id    A 
_pdbx_validate_torsion.auth_seq_id     41 
_pdbx_validate_torsion.PDB_ins_code    ? 
_pdbx_validate_torsion.label_alt_id    ? 
_pdbx_validate_torsion.phi             -103.22 
_pdbx_validate_torsion.psi             57.17 
# 
loop_
_pdbx_validate_planes.id 
_pdbx_validate_planes.PDB_model_num 
_pdbx_validate_planes.auth_comp_id 
_pdbx_validate_planes.auth_asym_id 
_pdbx_validate_planes.auth_seq_id 
_pdbx_validate_planes.PDB_ins_code 
_pdbx_validate_planes.label_alt_id 
_pdbx_validate_planes.rmsd 
_pdbx_validate_planes.type 
1 1 ASN A 41 ? ? 0.114 'SIDE CHAIN' 
2 1 ARG A 67 ? ? 0.195 'SIDE CHAIN' 
# 
_pdbx_SG_project.id                    1 
_pdbx_SG_project.project_name          'PSI, Protein Structure Initiative' 
_pdbx_SG_project.full_name_of_center   'Southeast Collaboratory for Structural Genomics' 
_pdbx_SG_project.initial_of_center     SECSG 
# 
_pdbx_struct_special_symmetry.id              1 
_pdbx_struct_special_symmetry.PDB_model_num   1 
_pdbx_struct_special_symmetry.auth_asym_id    A 
_pdbx_struct_special_symmetry.auth_comp_id    HOH 
_pdbx_struct_special_symmetry.auth_seq_id     133 
_pdbx_struct_special_symmetry.PDB_ins_code    ? 
_pdbx_struct_special_symmetry.label_asym_id   B 
_pdbx_struct_special_symmetry.label_comp_id   HOH 
_pdbx_struct_special_symmetry.label_seq_id    . 
# 
loop_
_pdbx_unobs_or_zero_occ_residues.id 
_pdbx_unobs_or_zero_occ_residues.PDB_model_num 
_pdbx_unobs_or_zero_occ_residues.polymer_flag 
_pdbx_unobs_or_zero_occ_residues.occupancy_flag 
_pdbx_unobs_or_zero_occ_residues.auth_asym_id 
_pdbx_unobs_or_zero_occ_residues.auth_comp_id 
_pdbx_unobs_or_zero_occ_residues.auth_seq_id 
_pdbx_unobs_or_zero_occ_residues.PDB_ins_code 
_pdbx_unobs_or_zero_occ_residues.label_asym_id 
_pdbx_unobs_or_zero_occ_residues.label_comp_id 
_pdbx_unobs_or_zero_occ_residues.label_seq_id 
1 1 Y 1 A MET 1  ? A MET 1  
2 1 Y 1 A GLU 2  ? A GLU 2  
3 1 Y 1 A ASP 3  ? A ASP 3  
4 1 Y 1 A GLU 4  ? A GLU 4  
5 1 Y 1 A GLU 92 ? A GLU 92 
6 1 Y 1 A ASN 93 ? A ASN 93 
7 1 Y 1 A ASP 94 ? A ASP 94 
8 1 Y 1 A THR 95 ? A THR 95 
# 
loop_
_chem_comp_atom.comp_id 
_chem_comp_atom.atom_id 
_chem_comp_atom.type_symbol 
_chem_comp_atom.pdbx_aromatic_flag 
_chem_comp_atom.pdbx_stereo_config 
_chem_comp_atom.pdbx_ordinal 
ALA N    N N N 1   
ALA CA   C N S 2   
ALA C    C N N 3   
ALA O    O N N 4   
ALA CB   C N N 5   
ALA OXT  O N N 6   
ALA H    H N N 7   
ALA H2   H N N 8   
ALA HA   H N N 9   
ALA HB1  H N N 10  
ALA HB2  H N N 11  
ALA HB3  H N N 12  
ALA HXT  H N N 13  
ARG N    N N N 14  
ARG CA   C N S 15  
ARG C    C N N 16  
ARG O    O N N 17  
ARG CB   C N N 18  
ARG CG   C N N 19  
ARG CD   C N N 20  
ARG NE   N N N 21  
ARG CZ   C N N 22  
ARG NH1  N N N 23  
ARG NH2  N N N 24  
ARG OXT  O N N 25  
ARG H    H N N 26  
ARG H2   H N N 27  
ARG HA   H N N 28  
ARG HB2  H N N 29  
ARG HB3  H N N 30  
ARG HG2  H N N 31  
ARG HG3  H N N 32  
ARG HD2  H N N 33  
ARG HD3  H N N 34  
ARG HE   H N N 35  
ARG HH11 H N N 36  
ARG HH12 H N N 37  
ARG HH21 H N N 38  
ARG HH22 H N N 39  
ARG HXT  H N N 40  
ASN N    N N N 41  
ASN CA   C N S 42  
ASN C    C N N 43  
ASN O    O N N 44  
ASN CB   C N N 45  
ASN CG   C N N 46  
ASN OD1  O N N 47  
ASN ND2  N N N 48  
ASN OXT  O N N 49  
ASN H    H N N 50  
ASN H2   H N N 51  
ASN HA   H N N 52  
ASN HB2  H N N 53  
ASN HB3  H N N 54  
ASN HD21 H N N 55  
ASN HD22 H N N 56  
ASN HXT  H N N 57  
ASP N    N N N 58  
ASP CA   C N S 59  
ASP C    C N N 60  
ASP O    O N N 61  
ASP CB   C N N 62  
ASP CG   C N N 63  
ASP OD1  O N N 64  
ASP OD2  O N N 65  
ASP OXT  O N N 66  
ASP H    H N N 67  
ASP H2   H N N 68  
ASP HA   H N N 69  
ASP HB2  H N N 70  
ASP HB3  H N N 71  
ASP HD2  H N N 72  
ASP HXT  H N N 73  
CYS N    N N N 74  
CYS CA   C N R 75  
CYS C    C N N 76  
CYS O    O N N 77  
CYS CB   C N N 78  
CYS SG   S N N 79  
CYS OXT  O N N 80  
CYS H    H N N 81  
CYS H2   H N N 82  
CYS HA   H N N 83  
CYS HB2  H N N 84  
CYS HB3  H N N 85  
CYS HG   H N N 86  
CYS HXT  H N N 87  
GLN N    N N N 88  
GLN CA   C N S 89  
GLN C    C N N 90  
GLN O    O N N 91  
GLN CB   C N N 92  
GLN CG   C N N 93  
GLN CD   C N N 94  
GLN OE1  O N N 95  
GLN NE2  N N N 96  
GLN OXT  O N N 97  
GLN H    H N N 98  
GLN H2   H N N 99  
GLN HA   H N N 100 
GLN HB2  H N N 101 
GLN HB3  H N N 102 
GLN HG2  H N N 103 
GLN HG3  H N N 104 
GLN HE21 H N N 105 
GLN HE22 H N N 106 
GLN HXT  H N N 107 
GLU N    N N N 108 
GLU CA   C N S 109 
GLU C    C N N 110 
GLU O    O N N 111 
GLU CB   C N N 112 
GLU CG   C N N 113 
GLU CD   C N N 114 
GLU OE1  O N N 115 
GLU OE2  O N N 116 
GLU OXT  O N N 117 
GLU H    H N N 118 
GLU H2   H N N 119 
GLU HA   H N N 120 
GLU HB2  H N N 121 
GLU HB3  H N N 122 
GLU HG2  H N N 123 
GLU HG3  H N N 124 
GLU HE2  H N N 125 
GLU HXT  H N N 126 
GLY N    N N N 127 
GLY CA   C N N 128 
GLY C    C N N 129 
GLY O    O N N 130 
GLY OXT  O N N 131 
GLY H    H N N 132 
GLY H2   H N N 133 
GLY HA2  H N N 134 
GLY HA3  H N N 135 
GLY HXT  H N N 136 
HIS N    N N N 137 
HIS CA   C N S 138 
HIS C    C N N 139 
HIS O    O N N 140 
HIS CB   C N N 141 
HIS CG   C Y N 142 
HIS ND1  N Y N 143 
HIS CD2  C Y N 144 
HIS CE1  C Y N 145 
HIS NE2  N Y N 146 
HIS OXT  O N N 147 
HIS H    H N N 148 
HIS H2   H N N 149 
HIS HA   H N N 150 
HIS HB2  H N N 151 
HIS HB3  H N N 152 
HIS HD1  H N N 153 
HIS HD2  H N N 154 
HIS HE1  H N N 155 
HIS HE2  H N N 156 
HIS HXT  H N N 157 
HOH O    O N N 158 
HOH H1   H N N 159 
HOH H2   H N N 160 
ILE N    N N N 161 
ILE CA   C N S 162 
ILE C    C N N 163 
ILE O    O N N 164 
ILE CB   C N S 165 
ILE CG1  C N N 166 
ILE CG2  C N N 167 
ILE CD1  C N N 168 
ILE OXT  O N N 169 
ILE H    H N N 170 
ILE H2   H N N 171 
ILE HA   H N N 172 
ILE HB   H N N 173 
ILE HG12 H N N 174 
ILE HG13 H N N 175 
ILE HG21 H N N 176 
ILE HG22 H N N 177 
ILE HG23 H N N 178 
ILE HD11 H N N 179 
ILE HD12 H N N 180 
ILE HD13 H N N 181 
ILE HXT  H N N 182 
LEU N    N N N 183 
LEU CA   C N S 184 
LEU C    C N N 185 
LEU O    O N N 186 
LEU CB   C N N 187 
LEU CG   C N N 188 
LEU CD1  C N N 189 
LEU CD2  C N N 190 
LEU OXT  O N N 191 
LEU H    H N N 192 
LEU H2   H N N 193 
LEU HA   H N N 194 
LEU HB2  H N N 195 
LEU HB3  H N N 196 
LEU HG   H N N 197 
LEU HD11 H N N 198 
LEU HD12 H N N 199 
LEU HD13 H N N 200 
LEU HD21 H N N 201 
LEU HD22 H N N 202 
LEU HD23 H N N 203 
LEU HXT  H N N 204 
LYS N    N N N 205 
LYS CA   C N S 206 
LYS C    C N N 207 
LYS O    O N N 208 
LYS CB   C N N 209 
LYS CG   C N N 210 
LYS CD   C N N 211 
LYS CE   C N N 212 
LYS NZ   N N N 213 
LYS OXT  O N N 214 
LYS H    H N N 215 
LYS H2   H N N 216 
LYS HA   H N N 217 
LYS HB2  H N N 218 
LYS HB3  H N N 219 
LYS HG2  H N N 220 
LYS HG3  H N N 221 
LYS HD2  H N N 222 
LYS HD3  H N N 223 
LYS HE2  H N N 224 
LYS HE3  H N N 225 
LYS HZ1  H N N 226 
LYS HZ2  H N N 227 
LYS HZ3  H N N 228 
LYS HXT  H N N 229 
MET N    N N N 230 
MET CA   C N S 231 
MET C    C N N 232 
MET O    O N N 233 
MET CB   C N N 234 
MET CG   C N N 235 
MET SD   S N N 236 
MET CE   C N N 237 
MET OXT  O N N 238 
MET H    H N N 239 
MET H2   H N N 240 
MET HA   H N N 241 
MET HB2  H N N 242 
MET HB3  H N N 243 
MET HG2  H N N 244 
MET HG3  H N N 245 
MET HE1  H N N 246 
MET HE2  H N N 247 
MET HE3  H N N 248 
MET HXT  H N N 249 
PHE N    N N N 250 
PHE CA   C N S 251 
PHE C    C N N 252 
PHE O    O N N 253 
PHE CB   C N N 254 
PHE CG   C Y N 255 
PHE CD1  C Y N 256 
PHE CD2  C Y N 257 
PHE CE1  C Y N 258 
PHE CE2  C Y N 259 
PHE CZ   C Y N 260 
PHE OXT  O N N 261 
PHE H    H N N 262 
PHE H2   H N N 263 
PHE HA   H N N 264 
PHE HB2  H N N 265 
PHE HB3  H N N 266 
PHE HD1  H N N 267 
PHE HD2  H N N 268 
PHE HE1  H N N 269 
PHE HE2  H N N 270 
PHE HZ   H N N 271 
PHE HXT  H N N 272 
PRO N    N N N 273 
PRO CA   C N S 274 
PRO C    C N N 275 
PRO O    O N N 276 
PRO CB   C N N 277 
PRO CG   C N N 278 
PRO CD   C N N 279 
PRO OXT  O N N 280 
PRO H    H N N 281 
PRO HA   H N N 282 
PRO HB2  H N N 283 
PRO HB3  H N N 284 
PRO HG2  H N N 285 
PRO HG3  H N N 286 
PRO HD2  H N N 287 
PRO HD3  H N N 288 
PRO HXT  H N N 289 
SER N    N N N 290 
SER CA   C N S 291 
SER C    C N N 292 
SER O    O N N 293 
SER CB   C N N 294 
SER OG   O N N 295 
SER OXT  O N N 296 
SER H    H N N 297 
SER H2   H N N 298 
SER HA   H N N 299 
SER HB2  H N N 300 
SER HB3  H N N 301 
SER HG   H N N 302 
SER HXT  H N N 303 
THR N    N N N 304 
THR CA   C N S 305 
THR C    C N N 306 
THR O    O N N 307 
THR CB   C N R 308 
THR OG1  O N N 309 
THR CG2  C N N 310 
THR OXT  O N N 311 
THR H    H N N 312 
THR H2   H N N 313 
THR HA   H N N 314 
THR HB   H N N 315 
THR HG1  H N N 316 
THR HG21 H N N 317 
THR HG22 H N N 318 
THR HG23 H N N 319 
THR HXT  H N N 320 
TRP N    N N N 321 
TRP CA   C N S 322 
TRP C    C N N 323 
TRP O    O N N 324 
TRP CB   C N N 325 
TRP CG   C Y N 326 
TRP CD1  C Y N 327 
TRP CD2  C Y N 328 
TRP NE1  N Y N 329 
TRP CE2  C Y N 330 
TRP CE3  C Y N 331 
TRP CZ2  C Y N 332 
TRP CZ3  C Y N 333 
TRP CH2  C Y N 334 
TRP OXT  O N N 335 
TRP H    H N N 336 
TRP H2   H N N 337 
TRP HA   H N N 338 
TRP HB2  H N N 339 
TRP HB3  H N N 340 
TRP HD1  H N N 341 
TRP HE1  H N N 342 
TRP HE3  H N N 343 
TRP HZ2  H N N 344 
TRP HZ3  H N N 345 
TRP HH2  H N N 346 
TRP HXT  H N N 347 
TYR N    N N N 348 
TYR CA   C N S 349 
TYR C    C N N 350 
TYR O    O N N 351 
TYR CB   C N N 352 
TYR CG   C Y N 353 
TYR CD1  C Y N 354 
TYR CD2  C Y N 355 
TYR CE1  C Y N 356 
TYR CE2  C Y N 357 
TYR CZ   C Y N 358 
TYR OH   O N N 359 
TYR OXT  O N N 360 
TYR H    H N N 361 
TYR H2   H N N 362 
TYR HA   H N N 363 
TYR HB2  H N N 364 
TYR HB3  H N N 365 
TYR HD1  H N N 366 
TYR HD2  H N N 367 
TYR HE1  H N N 368 
TYR HE2  H N N 369 
TYR HH   H N N 370 
TYR HXT  H N N 371 
VAL N    N N N 372 
VAL CA   C N S 373 
VAL C    C N N 374 
VAL O    O N N 375 
VAL CB   C N N 376 
VAL CG1  C N N 377 
VAL CG2  C N N 378 
VAL OXT  O N N 379 
VAL H    H N N 380 
VAL H2   H N N 381 
VAL HA   H N N 382 
VAL HB   H N N 383 
VAL HG11 H N N 384 
VAL HG12 H N N 385 
VAL HG13 H N N 386 
VAL HG21 H N N 387 
VAL HG22 H N N 388 
VAL HG23 H N N 389 
VAL HXT  H N N 390 
# 
loop_
_chem_comp_bond.comp_id 
_chem_comp_bond.atom_id_1 
_chem_comp_bond.atom_id_2 
_chem_comp_bond.value_order 
_chem_comp_bond.pdbx_aromatic_flag 
_chem_comp_bond.pdbx_stereo_config 
_chem_comp_bond.pdbx_ordinal 
ALA N   CA   sing N N 1   
ALA N   H    sing N N 2   
ALA N   H2   sing N N 3   
ALA CA  C    sing N N 4   
ALA CA  CB   sing N N 5   
ALA CA  HA   sing N N 6   
ALA C   O    doub N N 7   
ALA C   OXT  sing N N 8   
ALA CB  HB1  sing N N 9   
ALA CB  HB2  sing N N 10  
ALA CB  HB3  sing N N 11  
ALA OXT HXT  sing N N 12  
ARG N   CA   sing N N 13  
ARG N   H    sing N N 14  
ARG N   H2   sing N N 15  
ARG CA  C    sing N N 16  
ARG CA  CB   sing N N 17  
ARG CA  HA   sing N N 18  
ARG C   O    doub N N 19  
ARG C   OXT  sing N N 20  
ARG CB  CG   sing N N 21  
ARG CB  HB2  sing N N 22  
ARG CB  HB3  sing N N 23  
ARG CG  CD   sing N N 24  
ARG CG  HG2  sing N N 25  
ARG CG  HG3  sing N N 26  
ARG CD  NE   sing N N 27  
ARG CD  HD2  sing N N 28  
ARG CD  HD3  sing N N 29  
ARG NE  CZ   sing N N 30  
ARG NE  HE   sing N N 31  
ARG CZ  NH1  sing N N 32  
ARG CZ  NH2  doub N N 33  
ARG NH1 HH11 sing N N 34  
ARG NH1 HH12 sing N N 35  
ARG NH2 HH21 sing N N 36  
ARG NH2 HH22 sing N N 37  
ARG OXT HXT  sing N N 38  
ASN N   CA   sing N N 39  
ASN N   H    sing N N 40  
ASN N   H2   sing N N 41  
ASN CA  C    sing N N 42  
ASN CA  CB   sing N N 43  
ASN CA  HA   sing N N 44  
ASN C   O    doub N N 45  
ASN C   OXT  sing N N 46  
ASN CB  CG   sing N N 47  
ASN CB  HB2  sing N N 48  
ASN CB  HB3  sing N N 49  
ASN CG  OD1  doub N N 50  
ASN CG  ND2  sing N N 51  
ASN ND2 HD21 sing N N 52  
ASN ND2 HD22 sing N N 53  
ASN OXT HXT  sing N N 54  
ASP N   CA   sing N N 55  
ASP N   H    sing N N 56  
ASP N   H2   sing N N 57  
ASP CA  C    sing N N 58  
ASP CA  CB   sing N N 59  
ASP CA  HA   sing N N 60  
ASP C   O    doub N N 61  
ASP C   OXT  sing N N 62  
ASP CB  CG   sing N N 63  
ASP CB  HB2  sing N N 64  
ASP CB  HB3  sing N N 65  
ASP CG  OD1  doub N N 66  
ASP CG  OD2  sing N N 67  
ASP OD2 HD2  sing N N 68  
ASP OXT HXT  sing N N 69  
CYS N   CA   sing N N 70  
CYS N   H    sing N N 71  
CYS N   H2   sing N N 72  
CYS CA  C    sing N N 73  
CYS CA  CB   sing N N 74  
CYS CA  HA   sing N N 75  
CYS C   O    doub N N 76  
CYS C   OXT  sing N N 77  
CYS CB  SG   sing N N 78  
CYS CB  HB2  sing N N 79  
CYS CB  HB3  sing N N 80  
CYS SG  HG   sing N N 81  
CYS OXT HXT  sing N N 82  
GLN N   CA   sing N N 83  
GLN N   H    sing N N 84  
GLN N   H2   sing N N 85  
GLN CA  C    sing N N 86  
GLN CA  CB   sing N N 87  
GLN CA  HA   sing N N 88  
GLN C   O    doub N N 89  
GLN C   OXT  sing N N 90  
GLN CB  CG   sing N N 91  
GLN CB  HB2  sing N N 92  
GLN CB  HB3  sing N N 93  
GLN CG  CD   sing N N 94  
GLN CG  HG2  sing N N 95  
GLN CG  HG3  sing N N 96  
GLN CD  OE1  doub N N 97  
GLN CD  NE2  sing N N 98  
GLN NE2 HE21 sing N N 99  
GLN NE2 HE22 sing N N 100 
GLN OXT HXT  sing N N 101 
GLU N   CA   sing N N 102 
GLU N   H    sing N N 103 
GLU N   H2   sing N N 104 
GLU CA  C    sing N N 105 
GLU CA  CB   sing N N 106 
GLU CA  HA   sing N N 107 
GLU C   O    doub N N 108 
GLU C   OXT  sing N N 109 
GLU CB  CG   sing N N 110 
GLU CB  HB2  sing N N 111 
GLU CB  HB3  sing N N 112 
GLU CG  CD   sing N N 113 
GLU CG  HG2  sing N N 114 
GLU CG  HG3  sing N N 115 
GLU CD  OE1  doub N N 116 
GLU CD  OE2  sing N N 117 
GLU OE2 HE2  sing N N 118 
GLU OXT HXT  sing N N 119 
GLY N   CA   sing N N 120 
GLY N   H    sing N N 121 
GLY N   H2   sing N N 122 
GLY CA  C    sing N N 123 
GLY CA  HA2  sing N N 124 
GLY CA  HA3  sing N N 125 
GLY C   O    doub N N 126 
GLY C   OXT  sing N N 127 
GLY OXT HXT  sing N N 128 
HIS N   CA   sing N N 129 
HIS N   H    sing N N 130 
HIS N   H2   sing N N 131 
HIS CA  C    sing N N 132 
HIS CA  CB   sing N N 133 
HIS CA  HA   sing N N 134 
HIS C   O    doub N N 135 
HIS C   OXT  sing N N 136 
HIS CB  CG   sing N N 137 
HIS CB  HB2  sing N N 138 
HIS CB  HB3  sing N N 139 
HIS CG  ND1  sing Y N 140 
HIS CG  CD2  doub Y N 141 
HIS ND1 CE1  doub Y N 142 
HIS ND1 HD1  sing N N 143 
HIS CD2 NE2  sing Y N 144 
HIS CD2 HD2  sing N N 145 
HIS CE1 NE2  sing Y N 146 
HIS CE1 HE1  sing N N 147 
HIS NE2 HE2  sing N N 148 
HIS OXT HXT  sing N N 149 
HOH O   H1   sing N N 150 
HOH O   H2   sing N N 151 
ILE N   CA   sing N N 152 
ILE N   H    sing N N 153 
ILE N   H2   sing N N 154 
ILE CA  C    sing N N 155 
ILE CA  CB   sing N N 156 
ILE CA  HA   sing N N 157 
ILE C   O    doub N N 158 
ILE C   OXT  sing N N 159 
ILE CB  CG1  sing N N 160 
ILE CB  CG2  sing N N 161 
ILE CB  HB   sing N N 162 
ILE CG1 CD1  sing N N 163 
ILE CG1 HG12 sing N N 164 
ILE CG1 HG13 sing N N 165 
ILE CG2 HG21 sing N N 166 
ILE CG2 HG22 sing N N 167 
ILE CG2 HG23 sing N N 168 
ILE CD1 HD11 sing N N 169 
ILE CD1 HD12 sing N N 170 
ILE CD1 HD13 sing N N 171 
ILE OXT HXT  sing N N 172 
LEU N   CA   sing N N 173 
LEU N   H    sing N N 174 
LEU N   H2   sing N N 175 
LEU CA  C    sing N N 176 
LEU CA  CB   sing N N 177 
LEU CA  HA   sing N N 178 
LEU C   O    doub N N 179 
LEU C   OXT  sing N N 180 
LEU CB  CG   sing N N 181 
LEU CB  HB2  sing N N 182 
LEU CB  HB3  sing N N 183 
LEU CG  CD1  sing N N 184 
LEU CG  CD2  sing N N 185 
LEU CG  HG   sing N N 186 
LEU CD1 HD11 sing N N 187 
LEU CD1 HD12 sing N N 188 
LEU CD1 HD13 sing N N 189 
LEU CD2 HD21 sing N N 190 
LEU CD2 HD22 sing N N 191 
LEU CD2 HD23 sing N N 192 
LEU OXT HXT  sing N N 193 
LYS N   CA   sing N N 194 
LYS N   H    sing N N 195 
LYS N   H2   sing N N 196 
LYS CA  C    sing N N 197 
LYS CA  CB   sing N N 198 
LYS CA  HA   sing N N 199 
LYS C   O    doub N N 200 
LYS C   OXT  sing N N 201 
LYS CB  CG   sing N N 202 
LYS CB  HB2  sing N N 203 
LYS CB  HB3  sing N N 204 
LYS CG  CD   sing N N 205 
LYS CG  HG2  sing N N 206 
LYS CG  HG3  sing N N 207 
LYS CD  CE   sing N N 208 
LYS CD  HD2  sing N N 209 
LYS CD  HD3  sing N N 210 
LYS CE  NZ   sing N N 211 
LYS CE  HE2  sing N N 212 
LYS CE  HE3  sing N N 213 
LYS NZ  HZ1  sing N N 214 
LYS NZ  HZ2  sing N N 215 
LYS NZ  HZ3  sing N N 216 
LYS OXT HXT  sing N N 217 
MET N   CA   sing N N 218 
MET N   H    sing N N 219 
MET N   H2   sing N N 220 
MET CA  C    sing N N 221 
MET CA  CB   sing N N 222 
MET CA  HA   sing N N 223 
MET C   O    doub N N 224 
MET C   OXT  sing N N 225 
MET CB  CG   sing N N 226 
MET CB  HB2  sing N N 227 
MET CB  HB3  sing N N 228 
MET CG  SD   sing N N 229 
MET CG  HG2  sing N N 230 
MET CG  HG3  sing N N 231 
MET SD  CE   sing N N 232 
MET CE  HE1  sing N N 233 
MET CE  HE2  sing N N 234 
MET CE  HE3  sing N N 235 
MET OXT HXT  sing N N 236 
PHE N   CA   sing N N 237 
PHE N   H    sing N N 238 
PHE N   H2   sing N N 239 
PHE CA  C    sing N N 240 
PHE CA  CB   sing N N 241 
PHE CA  HA   sing N N 242 
PHE C   O    doub N N 243 
PHE C   OXT  sing N N 244 
PHE CB  CG   sing N N 245 
PHE CB  HB2  sing N N 246 
PHE CB  HB3  sing N N 247 
PHE CG  CD1  doub Y N 248 
PHE CG  CD2  sing Y N 249 
PHE CD1 CE1  sing Y N 250 
PHE CD1 HD1  sing N N 251 
PHE CD2 CE2  doub Y N 252 
PHE CD2 HD2  sing N N 253 
PHE CE1 CZ   doub Y N 254 
PHE CE1 HE1  sing N N 255 
PHE CE2 CZ   sing Y N 256 
PHE CE2 HE2  sing N N 257 
PHE CZ  HZ   sing N N 258 
PHE OXT HXT  sing N N 259 
PRO N   CA   sing N N 260 
PRO N   CD   sing N N 261 
PRO N   H    sing N N 262 
PRO CA  C    sing N N 263 
PRO CA  CB   sing N N 264 
PRO CA  HA   sing N N 265 
PRO C   O    doub N N 266 
PRO C   OXT  sing N N 267 
PRO CB  CG   sing N N 268 
PRO CB  HB2  sing N N 269 
PRO CB  HB3  sing N N 270 
PRO CG  CD   sing N N 271 
PRO CG  HG2  sing N N 272 
PRO CG  HG3  sing N N 273 
PRO CD  HD2  sing N N 274 
PRO CD  HD3  sing N N 275 
PRO OXT HXT  sing N N 276 
SER N   CA   sing N N 277 
SER N   H    sing N N 278 
SER N   H2   sing N N 279 
SER CA  C    sing N N 280 
SER CA  CB   sing N N 281 
SER CA  HA   sing N N 282 
SER C   O    doub N N 283 
SER C   OXT  sing N N 284 
SER CB  OG   sing N N 285 
SER CB  HB2  sing N N 286 
SER CB  HB3  sing N N 287 
SER OG  HG   sing N N 288 
SER OXT HXT  sing N N 289 
THR N   CA   sing N N 290 
THR N   H    sing N N 291 
THR N   H2   sing N N 292 
THR CA  C    sing N N 293 
THR CA  CB   sing N N 294 
THR CA  HA   sing N N 295 
THR C   O    doub N N 296 
THR C   OXT  sing N N 297 
THR CB  OG1  sing N N 298 
THR CB  CG2  sing N N 299 
THR CB  HB   sing N N 300 
THR OG1 HG1  sing N N 301 
THR CG2 HG21 sing N N 302 
THR CG2 HG22 sing N N 303 
THR CG2 HG23 sing N N 304 
THR OXT HXT  sing N N 305 
TRP N   CA   sing N N 306 
TRP N   H    sing N N 307 
TRP N   H2   sing N N 308 
TRP CA  C    sing N N 309 
TRP CA  CB   sing N N 310 
TRP CA  HA   sing N N 311 
TRP C   O    doub N N 312 
TRP C   OXT  sing N N 313 
TRP CB  CG   sing N N 314 
TRP CB  HB2  sing N N 315 
TRP CB  HB3  sing N N 316 
TRP CG  CD1  doub Y N 317 
TRP CG  CD2  sing Y N 318 
TRP CD1 NE1  sing Y N 319 
TRP CD1 HD1  sing N N 320 
TRP CD2 CE2  doub Y N 321 
TRP CD2 CE3  sing Y N 322 
TRP NE1 CE2  sing Y N 323 
TRP NE1 HE1  sing N N 324 
TRP CE2 CZ2  sing Y N 325 
TRP CE3 CZ3  doub Y N 326 
TRP CE3 HE3  sing N N 327 
TRP CZ2 CH2  doub Y N 328 
TRP CZ2 HZ2  sing N N 329 
TRP CZ3 CH2  sing Y N 330 
TRP CZ3 HZ3  sing N N 331 
TRP CH2 HH2  sing N N 332 
TRP OXT HXT  sing N N 333 
TYR N   CA   sing N N 334 
TYR N   H    sing N N 335 
TYR N   H2   sing N N 336 
TYR CA  C    sing N N 337 
TYR CA  CB   sing N N 338 
TYR CA  HA   sing N N 339 
TYR C   O    doub N N 340 
TYR C   OXT  sing N N 341 
TYR CB  CG   sing N N 342 
TYR CB  HB2  sing N N 343 
TYR CB  HB3  sing N N 344 
TYR CG  CD1  doub Y N 345 
TYR CG  CD2  sing Y N 346 
TYR CD1 CE1  sing Y N 347 
TYR CD1 HD1  sing N N 348 
TYR CD2 CE2  doub Y N 349 
TYR CD2 HD2  sing N N 350 
TYR CE1 CZ   doub Y N 351 
TYR CE1 HE1  sing N N 352 
TYR CE2 CZ   sing Y N 353 
TYR CE2 HE2  sing N N 354 
TYR CZ  OH   sing N N 355 
TYR OH  HH   sing N N 356 
TYR OXT HXT  sing N N 357 
VAL N   CA   sing N N 358 
VAL N   H    sing N N 359 
VAL N   H2   sing N N 360 
VAL CA  C    sing N N 361 
VAL CA  CB   sing N N 362 
VAL CA  HA   sing N N 363 
VAL C   O    doub N N 364 
VAL C   OXT  sing N N 365 
VAL CB  CG1  sing N N 366 
VAL CB  CG2  sing N N 367 
VAL CB  HB   sing N N 368 
VAL CG1 HG11 sing N N 369 
VAL CG1 HG12 sing N N 370 
VAL CG1 HG13 sing N N 371 
VAL CG2 HG21 sing N N 372 
VAL CG2 HG22 sing N N 373 
VAL CG2 HG23 sing N N 374 
VAL OXT HXT  sing N N 375 
# 
_atom_sites.entry_id                    2QVO 
_atom_sites.fract_transf_matrix[1][1]   0.01058052 
_atom_sites.fract_transf_matrix[1][2]   0.00613486 
_atom_sites.fract_transf_matrix[1][3]   -0.01435148 
_atom_sites.fract_transf_matrix[2][1]   -0.01366579 
_atom_sites.fract_transf_matrix[2][2]   0.01201711 
_atom_sites.fract_transf_matrix[2][3]   -0.00493802 
_atom_sites.fract_transf_matrix[3][1]   0.00976015 
_atom_sites.fract_transf_matrix[3][2]   0.01705108 
_atom_sites.fract_transf_matrix[3][3]   0.01448445 
_atom_sites.fract_transf_vector[1]      0.050738 
_atom_sites.fract_transf_vector[2]      0.252390 
_atom_sites.fract_transf_vector[3]      0.408247 
# 
loop_
_atom_type.symbol 
C 
N 
O 
S 
# 
loop_
_atom_site.group_PDB 
_atom_site.id 
_atom_site.type_symbol 
_atom_site.label_atom_id 
_atom_site.label_alt_id 
_atom_site.label_comp_id 
_atom_site.label_asym_id 
_atom_site.label_entity_id 
_atom_site.label_seq_id 
_atom_site.pdbx_PDB_ins_code 
_atom_site.Cartn_x 
_atom_site.Cartn_y 
_atom_site.Cartn_z 
_atom_site.occupancy 
_atom_site.B_iso_or_equiv 
_atom_site.pdbx_formal_charge 
_atom_site.auth_seq_id 
_atom_site.auth_comp_id 
_atom_site.auth_asym_id 
_atom_site.auth_atom_id 
_atom_site.pdbx_PDB_model_num 
ATOM   1   N N   . ARG A 1 5  ? -19.209 1.965   4.620   1.00 36.29 ? 5   ARG A N   1 
ATOM   2   C CA  . ARG A 1 5  ? -19.051 3.437   4.443   1.00 36.17 ? 5   ARG A CA  1 
ATOM   3   C C   . ARG A 1 5  ? -17.738 3.743   3.739   1.00 35.63 ? 5   ARG A C   1 
ATOM   4   O O   . ARG A 1 5  ? -17.657 4.672   2.928   1.00 35.93 ? 5   ARG A O   1 
ATOM   5   C CB  . ARG A 1 5  ? -19.105 4.157   5.796   1.00 36.36 ? 5   ARG A CB  1 
ATOM   6   C CG  . ARG A 1 5  ? -20.414 3.996   6.550   1.00 37.59 ? 5   ARG A CG  1 
ATOM   7   C CD  . ARG A 1 5  ? -20.336 4.644   7.920   1.00 39.35 ? 5   ARG A CD  1 
ATOM   8   N NE  . ARG A 1 5  ? -21.643 4.670   8.577   1.00 41.32 ? 5   ARG A NE  1 
ATOM   9   C CZ  . ARG A 1 5  ? -21.895 5.285   9.730   0.90 42.45 ? 5   ARG A CZ  1 
ATOM   10  N NH1 . ARG A 1 5  ? -20.930 5.934   10.371  1.00 43.75 ? 5   ARG A NH1 1 
ATOM   11  N NH2 . ARG A 1 5  ? -23.119 5.258   10.243  0.70 42.65 ? 5   ARG A NH2 1 
ATOM   12  N N   . ILE A 1 6  ? -16.707 2.966   4.062   1.00 35.04 ? 6   ILE A N   1 
ATOM   13  C CA  . ILE A 1 6  ? -15.426 3.041   3.364   1.00 33.95 ? 6   ILE A CA  1 
ATOM   14  C C   . ILE A 1 6  ? -15.588 2.621   1.897   1.00 32.69 ? 6   ILE A C   1 
ATOM   15  O O   . ILE A 1 6  ? -15.149 3.336   0.993   1.00 32.87 ? 6   ILE A O   1 
ATOM   16  C CB  . ILE A 1 6  ? -14.338 2.187   4.075   1.00 34.29 ? 6   ILE A CB  1 
ATOM   17  C CG1 . ILE A 1 6  ? -13.902 2.856   5.385   1.00 34.41 ? 6   ILE A CG1 1 
ATOM   18  C CG2 . ILE A 1 6  ? -13.125 2.014   3.185   1.00 34.67 ? 6   ILE A CG2 1 
ATOM   19  C CD1 . ILE A 1 6  ? -14.610 2.392   6.582   0.00 37.33 ? 6   ILE A CD1 1 
ATOM   20  N N   . LYS A 1 7  ? -16.238 1.478   1.670   1.00 31.47 ? 7   LYS A N   1 
ATOM   21  C CA  . LYS A 1 7  ? -16.549 1.005   0.318   1.00 30.01 ? 7   LYS A CA  1 
ATOM   22  C C   . LYS A 1 7  ? -17.373 2.031   -0.461  1.00 28.91 ? 7   LYS A C   1 
ATOM   23  O O   . LYS A 1 7  ? -17.259 2.121   -1.680  1.00 28.59 ? 7   LYS A O   1 
ATOM   24  C CB  . LYS A 1 7  ? -17.296 -0.332  0.360   1.00 30.21 ? 7   LYS A CB  1 
ATOM   25  C CG  . LYS A 1 7  ? -16.295 -1.454  0.784   0.00 42.26 ? 7   LYS A CG  1 
ATOM   26  C CD  . LYS A 1 7  ? -15.392 -1.022  1.948   0.00 48.35 ? 7   LYS A CD  1 
ATOM   27  C CE  . LYS A 1 7  ? -14.229 -2.030  2.176   0.00 57.60 ? 7   LYS A CE  1 
ATOM   28  N NZ  . LYS A 1 7  ? -13.220 -1.539  3.141   0.00 57.85 ? 7   LYS A NZ  1 
ATOM   29  N N   . LEU A 1 8  ? -18.193 2.800   0.248   1.00 27.86 ? 8   LEU A N   1 
ATOM   30  C CA  . LEU A 1 8  ? -18.950 3.883   -0.371  1.00 26.75 ? 8   LEU A CA  1 
ATOM   31  C C   . LEU A 1 8  ? -18.050 4.774   -1.222  1.00 26.00 ? 8   LEU A C   1 
ATOM   32  O O   . LEU A 1 8  ? -18.354 5.057   -2.380  1.00 25.68 ? 8   LEU A O   1 
ATOM   33  C CB  . LEU A 1 8  ? -19.661 4.718   0.696   1.00 27.13 ? 8   LEU A CB  1 
ATOM   34  C CG  . LEU A 1 8  ? -20.694 5.727   0.190   0.80 27.36 ? 8   LEU A CG  1 
ATOM   35  C CD1 . LEU A 1 8  ? -21.359 5.225   -1.081  0.00 31.14 ? 8   LEU A CD1 1 
ATOM   36  C CD2 . LEU A 1 8  ? -21.731 6.017   1.263   1.00 28.46 ? 8   LEU A CD2 1 
ATOM   37  N N   . LEU A 1 9  ? -16.942 5.214   -0.635  1.00 24.96 ? 9   LEU A N   1 
ATOM   38  C CA  . LEU A 1 9  ? -16.050 6.182   -1.279  1.00 24.29 ? 9   LEU A CA  1 
ATOM   39  C C   . LEU A 1 9  ? -14.782 5.604   -1.883  1.00 23.97 ? 9   LEU A C   1 
ATOM   40  O O   . LEU A 1 9  ? -14.242 6.166   -2.834  1.00 23.82 ? 9   LEU A O   1 
ATOM   41  C CB  . LEU A 1 9  ? -15.659 7.286   -0.289  1.00 24.31 ? 9   LEU A CB  1 
ATOM   42  C CG  . LEU A 1 9  ? -16.740 8.317   0.034   1.00 24.97 ? 9   LEU A CG  1 
ATOM   43  C CD1 . LEU A 1 9  ? -16.289 9.165   1.200   1.00 24.90 ? 9   LEU A CD1 1 
ATOM   44  C CD2 . LEU A 1 9  ? -17.061 9.174   -1.196  1.00 25.26 ? 9   LEU A CD2 1 
ATOM   45  N N   . PHE A 1 10 ? -14.300 4.503   -1.314  1.00 23.79 ? 10  PHE A N   1 
ATOM   46  C CA  . PHE A 1 10 ? -13.003 3.942   -1.706  1.00 23.63 ? 10  PHE A CA  1 
ATOM   47  C C   . PHE A 1 10 ? -13.085 2.612   -2.448  1.00 22.58 ? 10  PHE A C   1 
ATOM   48  O O   . PHE A 1 10 ? -13.999 1.816   -2.241  1.00 22.84 ? 10  PHE A O   1 
ATOM   49  C CB  . PHE A 1 10 ? -12.124 3.755   -0.466  1.00 23.90 ? 10  PHE A CB  1 
ATOM   50  C CG  . PHE A 1 10 ? -11.702 5.038   0.176   1.00 25.78 ? 10  PHE A CG  1 
ATOM   51  C CD1 . PHE A 1 10 ? -10.639 5.764   -0.335  1.00 26.16 ? 10  PHE A CD1 1 
ATOM   52  C CD2 . PHE A 1 10 ? -12.374 5.522   1.294   1.00 28.43 ? 10  PHE A CD2 1 
ATOM   53  C CE1 . PHE A 1 10 ? -10.242 6.958   0.265   1.00 29.25 ? 10  PHE A CE1 1 
ATOM   54  C CE2 . PHE A 1 10 ? -11.985 6.717   1.897   1.00 28.52 ? 10  PHE A CE2 1 
ATOM   55  C CZ  . PHE A 1 10 ? -10.925 7.434   1.379   1.00 27.45 ? 10  PHE A CZ  1 
ATOM   56  N N   . LYS A 1 11 ? -12.110 2.402   -3.321  1.00 22.41 ? 11  LYS A N   1 
ATOM   57  C CA  . LYS A 1 11 ? -11.782 1.081   -3.837  1.00 21.96 ? 11  LYS A CA  1 
ATOM   58  C C   . LYS A 1 11 ? -11.069 0.325   -2.701  1.00 21.79 ? 11  LYS A C   1 
ATOM   59  O O   . LYS A 1 11 ? -9.892  0.574   -2.421  1.00 21.02 ? 11  LYS A O   1 
ATOM   60  C CB  . LYS A 1 11 ? -10.872 1.201   -5.060  1.00 21.58 ? 11  LYS A CB  1 
ATOM   61  C CG  . LYS A 1 11 ? -11.433 2.031   -6.234  1.00 22.28 ? 11  LYS A CG  1 
ATOM   62  C CD  . LYS A 1 11 ? -12.441 1.243   -7.080  1.00 23.43 ? 11  LYS A CD  1 
ATOM   63  C CE  . LYS A 1 11 ? -13.263 2.155   -8.011  1.00 22.87 ? 11  LYS A CE  1 
ATOM   64  N NZ  . LYS A 1 11 ? -12.433 2.846   -9.046  1.00 24.18 ? 11  LYS A NZ  1 
ATOM   65  N N   . GLU A 1 12 ? -11.801 -0.578  -2.057  1.00 22.14 ? 12  GLU A N   1 
ATOM   66  C CA  . GLU A 1 12 ? -11.378 -1.225  -0.816  1.00 23.11 ? 12  GLU A CA  1 
ATOM   67  C C   . GLU A 1 12 ? -10.069 -2.011  -0.935  1.00 22.76 ? 12  GLU A C   1 
ATOM   68  O O   . GLU A 1 12 ? -9.242  -1.960  -0.033  1.00 22.41 ? 12  GLU A O   1 
ATOM   69  C CB  . GLU A 1 12 ? -12.485 -2.118  -0.247  1.00 23.73 ? 12  GLU A CB  1 
ATOM   70  C CG  . GLU A 1 12 ? -13.059 -3.129  -1.248  1.00 26.60 ? 12  GLU A CG  1 
ATOM   71  C CD  . GLU A 1 12 ? -13.527 -4.422  -0.601  0.10 28.56 ? 12  GLU A CD  1 
ATOM   72  O OE1 . GLU A 1 12 ? -13.289 -4.616  0.612   0.30 29.53 ? 12  GLU A OE1 1 
ATOM   73  O OE2 . GLU A 1 12 ? -14.122 -5.257  -1.319  0.30 29.33 ? 12  GLU A OE2 1 
ATOM   74  N N   . LYS A 1 13 ? -9.883  -2.716  -2.050  1.00 22.57 ? 13  LYS A N   1 
ATOM   75  C CA  . LYS A 1 13 ? -8.665  -3.511  -2.241  1.00 22.78 ? 13  LYS A CA  1 
ATOM   76  C C   . LYS A 1 13 ? -7.421  -2.631  -2.374  1.00 21.74 ? 13  LYS A C   1 
ATOM   77  O O   . LYS A 1 13 ? -6.411  -2.886  -1.718  1.00 21.53 ? 13  LYS A O   1 
ATOM   78  C CB  . LYS A 1 13 ? -8.814  -4.484  -3.422  1.00 23.57 ? 13  LYS A CB  1 
ATOM   79  C CG  . LYS A 1 13 ? -9.884  -5.576  -3.207  1.00 25.90 ? 13  LYS A CG  1 
ATOM   80  C CD  . LYS A 1 13 ? -9.623  -6.411  -1.943  1.00 28.11 ? 13  LYS A CD  1 
ATOM   81  C CE  . LYS A 1 13 ? -10.625 -7.562  -1.785  1.00 29.18 ? 13  LYS A CE  1 
ATOM   82  N NZ  . LYS A 1 13 ? -11.969 -7.111  -1.293  0.90 32.08 ? 13  LYS A NZ  1 
ATOM   83  N N   . ALA A 1 14 ? -7.502  -1.578  -3.187  1.00 20.66 ? 14  ALA A N   1 
ATOM   84  C CA  . ALA A 1 14 ? -6.386  -0.640  -3.354  1.00 20.52 ? 14  ALA A CA  1 
ATOM   85  C C   . ALA A 1 14 ? -6.095  0.121   -2.062  1.00 20.24 ? 14  ALA A C   1 
ATOM   86  O O   . ALA A 1 14 ? -4.924  0.355   -1.713  1.00 19.58 ? 14  ALA A O   1 
ATOM   87  C CB  . ALA A 1 14 ? -6.660  0.334   -4.502  1.00 20.79 ? 14  ALA A CB  1 
ATOM   88  N N   . LEU A 1 15 ? -7.161  0.501   -1.356  1.00 19.52 ? 15  LEU A N   1 
ATOM   89  C CA  . LEU A 1 15 ? -7.036  1.161   -0.051  1.00 19.13 ? 15  LEU A CA  1 
ATOM   90  C C   . LEU A 1 15 ? -6.272  0.306   0.962   1.00 18.70 ? 15  LEU A C   1 
ATOM   91  O O   . LEU A 1 15 ? -5.331  0.795   1.603   1.00 17.53 ? 15  LEU A O   1 
ATOM   92  C CB  . LEU A 1 15 ? -8.417  1.492   0.531   1.00 19.78 ? 15  LEU A CB  1 
ATOM   93  C CG  . LEU A 1 15 ? -8.342  2.013   1.970   1.00 21.02 ? 15  LEU A CG  1 
ATOM   94  C CD1 . LEU A 1 15 ? -7.786  3.412   1.969   1.00 24.61 ? 15  LEU A CD1 1 
ATOM   95  C CD2 . LEU A 1 15 ? -9.700  1.958   2.659   1.00 24.91 ? 15  LEU A CD2 1 
ATOM   96  N N   . GLU A 1 16 ? -6.700  -0.949  1.112   1.00 18.31 ? 16  GLU A N   1 
ATOM   97  C CA  . GLU A 1 16 ? -6.090  -1.883  2.060   1.00 18.86 ? 16  GLU A CA  1 
ATOM   98  C C   . GLU A 1 16 ? -4.600  -2.065  1.767   1.00 17.57 ? 16  GLU A C   1 
ATOM   99  O O   . GLU A 1 16 ? -3.800  -2.160  2.698   1.00 17.17 ? 16  GLU A O   1 
ATOM   100 C CB  . GLU A 1 16 ? -6.768  -3.256  2.022   1.00 19.54 ? 16  GLU A CB  1 
ATOM   101 C CG  . GLU A 1 16 ? -8.105  -3.344  2.750   1.00 22.02 ? 16  GLU A CG  1 
ATOM   102 C CD  . GLU A 1 16 ? -8.848  -4.644  2.441   1.00 22.32 ? 16  GLU A CD  1 
ATOM   103 O OE1 . GLU A 1 16 ? -8.185  -5.667  2.125   1.00 29.28 ? 16  GLU A OE1 1 
ATOM   104 O OE2 . GLU A 1 16 ? -10.096 -4.640  2.512   0.10 23.62 ? 16  GLU A OE2 1 
ATOM   105 N N   . ILE A 1 17 ? -4.238  -2.123  0.490   1.00 16.01 ? 17  ILE A N   1 
ATOM   106 C CA  . ILE A 1 17 ? -2.828  -2.245  0.096   1.00 15.51 ? 17  ILE A CA  1 
ATOM   107 C C   . ILE A 1 17 ? -2.032  -1.003  0.522   1.00 15.53 ? 17  ILE A C   1 
ATOM   108 O O   . ILE A 1 17 ? -0.968  -1.097  1.163   1.00 14.25 ? 17  ILE A O   1 
ATOM   109 C CB  . ILE A 1 17 ? -2.691  -2.574  -1.417  1.00 15.52 ? 17  ILE A CB  1 
ATOM   110 C CG1 . ILE A 1 17 ? -3.254  -3.979  -1.669  1.00 15.86 ? 17  ILE A CG1 1 
ATOM   111 C CG2 . ILE A 1 17 ? -1.230  -2.514  -1.878  1.00 16.20 ? 17  ILE A CG2 1 
ATOM   112 C CD1 . ILE A 1 17 ? -3.671  -4.248  -3.104  1.00 13.50 ? 17  ILE A CD1 1 
ATOM   113 N N   . LEU A 1 18 ? -2.571  0.169   0.193   1.00 14.63 ? 18  LEU A N   1 
ATOM   114 C CA  . LEU A 1 18 ? -1.919  1.414   0.550   1.00 14.31 ? 18  LEU A CA  1 
ATOM   115 C C   . LEU A 1 18 ? -1.708  1.574   2.051   1.00 14.03 ? 18  LEU A C   1 
ATOM   116 O O   . LEU A 1 18 ? -0.620  1.984   2.475   1.00 14.84 ? 18  LEU A O   1 
ATOM   117 C CB  . LEU A 1 18 ? -2.746  2.602   0.030   1.00 14.16 ? 18  LEU A CB  1 
ATOM   118 C CG  . LEU A 1 18 ? -2.093  3.962   0.278   1.00 15.87 ? 18  LEU A CG  1 
ATOM   119 C CD1 . LEU A 1 18 ? -0.763  4.086   -0.464  1.00 16.78 ? 18  LEU A CD1 1 
ATOM   120 C CD2 . LEU A 1 18 ? -3.077  5.104   -0.115  1.00 13.82 ? 18  LEU A CD2 1 
ATOM   121 N N   . MET A 1 19 ? -2.741  1.279   2.840   1.00 13.24 ? 19  MET A N   1 
ATOM   122 C CA  . MET A 1 19 ? -2.694  1.511   4.279   1.00 14.24 ? 19  MET A CA  1 
ATOM   123 C C   . MET A 1 19 ? -1.807  0.451   4.918   1.00 13.86 ? 19  MET A C   1 
ATOM   124 O O   . MET A 1 19 ? -1.130  0.738   5.890   1.00 13.22 ? 19  MET A O   1 
ATOM   125 C CB  . MET A 1 19 ? -4.091  1.540   4.912   1.00 14.29 ? 19  MET A CB  1 
ATOM   126 C CG  . MET A 1 19 ? -4.962  2.763   4.426   1.00 15.30 ? 19  MET A CG  1 
ATOM   127 S SD  . MET A 1 19 ? -4.083  4.326   4.345   1.00 19.57 ? 19  MET A SD  1 
ATOM   128 C CE  . MET A 1 19 ? -4.082  4.733   6.083   1.00 20.96 ? 19  MET A CE  1 
ATOM   129 N N   . THR A 1 20 ? -1.786  -0.750  4.335   1.00 14.07 ? 20  THR A N   1 
ATOM   130 C CA  . THR A 1 20 ? -0.843  -1.797  4.800   1.00 13.80 ? 20  THR A CA  1 
ATOM   131 C C   . THR A 1 20 ? 0.614   -1.371  4.671   1.00 13.86 ? 20  THR A C   1 
ATOM   132 O O   . THR A 1 20 ? 1.409   -1.558  5.603   1.00 14.14 ? 20  THR A O   1 
ATOM   133 C CB  . THR A 1 20 ? -1.062  -3.154  4.065   1.00 14.12 ? 20  THR A CB  1 
ATOM   134 O OG1 . THR A 1 20 ? -2.380  -3.643  4.351   1.00 14.49 ? 20  THR A OG1 1 
ATOM   135 C CG2 . THR A 1 20 ? -0.040  -4.193  4.536   1.00 13.54 ? 20  THR A CG2 1 
ATOM   136 N N   . ILE A 1 21 ? 0.979   -0.807  3.522   1.00 13.19 ? 21  ILE A N   1 
ATOM   137 C CA  . ILE A 1 21 ? 2.331   -0.286  3.313   1.00 13.26 ? 21  ILE A CA  1 
ATOM   138 C C   . ILE A 1 21 ? 2.619   0.819   4.326   1.00 14.21 ? 21  ILE A C   1 
ATOM   139 O O   . ILE A 1 21 ? 3.686   0.855   4.930   1.00 13.93 ? 21  ILE A O   1 
ATOM   140 C CB  . ILE A 1 21 ? 2.510   0.260   1.868   1.00 13.66 ? 21  ILE A CB  1 
ATOM   141 C CG1 . ILE A 1 21 ? 2.216   -0.842  0.841   1.00 12.15 ? 21  ILE A CG1 1 
ATOM   142 C CG2 . ILE A 1 21 ? 3.925   0.854   1.644   1.00 13.26 ? 21  ILE A CG2 1 
ATOM   143 C CD1 . ILE A 1 21 ? 2.050   -0.315  -0.597  1.00 13.68 ? 21  ILE A CD1 1 
ATOM   144 N N   . TYR A 1 22 ? 1.658   1.723   4.490   1.00 14.21 ? 22  TYR A N   1 
ATOM   145 C CA  . TYR A 1 22 ? 1.780   2.842   5.416   1.00 15.35 ? 22  TYR A CA  1 
ATOM   146 C C   . TYR A 1 22 ? 2.092   2.369   6.849   1.00 15.08 ? 22  TYR A C   1 
ATOM   147 O O   . TYR A 1 22 ? 3.118   2.769   7.433   1.00 15.58 ? 22  TYR A O   1 
ATOM   148 C CB  . TYR A 1 22 ? 0.495   3.683   5.359   1.00 15.86 ? 22  TYR A CB  1 
ATOM   149 C CG  . TYR A 1 22 ? 0.444   4.816   6.362   1.00 17.52 ? 22  TYR A CG  1 
ATOM   150 C CD1 . TYR A 1 22 ? 1.183   5.987   6.161   1.00 18.58 ? 22  TYR A CD1 1 
ATOM   151 C CD2 . TYR A 1 22 ? -0.333  4.707   7.509   1.00 18.54 ? 22  TYR A CD2 1 
ATOM   152 C CE1 . TYR A 1 22 ? 1.140   7.028   7.097   1.00 20.72 ? 22  TYR A CE1 1 
ATOM   153 C CE2 . TYR A 1 22 ? -0.390  5.743   8.445   1.00 21.84 ? 22  TYR A CE2 1 
ATOM   154 C CZ  . TYR A 1 22 ? 0.344   6.888   8.233   1.00 19.79 ? 22  TYR A CZ  1 
ATOM   155 O OH  . TYR A 1 22 ? 0.283   7.892   9.177   1.00 22.59 ? 22  TYR A OH  1 
ATOM   156 N N   . TYR A 1 23 ? 1.233   1.515   7.397   1.00 15.01 ? 23  TYR A N   1 
ATOM   157 C CA  . TYR A 1 23 ? 1.390   1.056   8.778   1.00 14.96 ? 23  TYR A CA  1 
ATOM   158 C C   . TYR A 1 23 ? 2.620   0.180   8.968   1.00 14.13 ? 23  TYR A C   1 
ATOM   159 O O   . TYR A 1 23 ? 3.308   0.290   9.973   1.00 12.89 ? 23  TYR A O   1 
ATOM   160 C CB  . TYR A 1 23 ? 0.139   0.354   9.287   1.00 16.48 ? 23  TYR A CB  1 
ATOM   161 C CG  . TYR A 1 23 ? -0.968  1.338   9.580   1.00 19.06 ? 23  TYR A CG  1 
ATOM   162 C CD1 . TYR A 1 23 ? -0.836  2.272   10.618  1.00 20.59 ? 23  TYR A CD1 1 
ATOM   163 C CD2 . TYR A 1 23 ? -2.123  1.358   8.815   1.00 19.99 ? 23  TYR A CD2 1 
ATOM   164 C CE1 . TYR A 1 23 ? -1.836  3.183   10.893  1.00 22.27 ? 23  TYR A CE1 1 
ATOM   165 C CE2 . TYR A 1 23 ? -3.136  2.280   9.073   1.00 21.82 ? 23  TYR A CE2 1 
ATOM   166 C CZ  . TYR A 1 23 ? -2.982  3.183   10.116  1.00 21.78 ? 23  TYR A CZ  1 
ATOM   167 O OH  . TYR A 1 23 ? -3.980  4.091   10.388  1.00 23.44 ? 23  TYR A OH  1 
ATOM   168 N N   . GLU A 1 24 ? 2.903   -0.672  7.988   1.00 13.58 ? 24  GLU A N   1 
ATOM   169 C CA  . GLU A 1 24 ? 4.097   -1.527  8.072   1.00 14.56 ? 24  GLU A CA  1 
ATOM   170 C C   . GLU A 1 24 ? 5.393   -0.683  8.077   1.00 14.87 ? 24  GLU A C   1 
ATOM   171 O O   . GLU A 1 24 ? 6.293   -0.916  8.893   1.00 14.67 ? 24  GLU A O   1 
ATOM   172 C CB  . GLU A 1 24 ? 4.089   -2.553  6.934   1.00 14.04 ? 24  GLU A CB  1 
ATOM   173 C CG  . GLU A 1 24 ? 5.299   -3.479  6.900   1.00 17.45 ? 24  GLU A CG  1 
ATOM   174 C CD  . GLU A 1 24 ? 5.303   -4.551  7.988   1.00 20.53 ? 24  GLU A CD  1 
ATOM   175 O OE1 . GLU A 1 24 ? 5.955   -5.589  7.754   1.00 22.33 ? 24  GLU A OE1 1 
ATOM   176 O OE2 . GLU A 1 24 ? 4.698   -4.359  9.074   1.00 21.44 ? 24  GLU A OE2 1 
ATOM   177 N N   . SER A 1 25 ? 5.479   0.310   7.193   1.00 15.54 ? 25  SER A N   1 
ATOM   178 C CA  . SER A 1 25 ? 6.664   1.178   7.135   1.00 17.49 ? 25  SER A CA  1 
ATOM   179 C C   . SER A 1 25 ? 6.788   2.047   8.393   1.00 18.11 ? 25  SER A C   1 
ATOM   180 O O   . SER A 1 25 ? 7.885   2.191   8.949   1.00 17.82 ? 25  SER A O   1 
ATOM   181 C CB  . SER A 1 25 ? 6.648   2.049   5.878   1.00 17.96 ? 25  SER A CB  1 
ATOM   182 O OG  . SER A 1 25 ? 5.408   2.719   5.769   1.00 23.01 ? 25  SER A OG  1 
ATOM   183 N N   . LEU A 1 26 ? 5.656   2.590   8.844   1.00 18.24 ? 26  LEU A N   1 
ATOM   184 C CA  . LEU A 1 26 ? 5.576   3.401   10.056  1.00 19.79 ? 26  LEU A CA  1 
ATOM   185 C C   . LEU A 1 26 ? 6.124   2.658   11.286  1.00 19.29 ? 26  LEU A C   1 
ATOM   186 O O   . LEU A 1 26 ? 6.715   3.270   12.175  1.00 19.26 ? 26  LEU A O   1 
ATOM   187 C CB  . LEU A 1 26 ? 4.117   3.788   10.316  1.00 19.66 ? 26  LEU A CB  1 
ATOM   188 C CG  . LEU A 1 26 ? 3.740   4.976   11.203  1.00 22.79 ? 26  LEU A CG  1 
ATOM   189 C CD1 . LEU A 1 26 ? 3.779   6.260   10.386  1.00 24.98 ? 26  LEU A CD1 1 
ATOM   190 C CD2 . LEU A 1 26 ? 2.332   4.757   11.772  1.00 21.98 ? 26  LEU A CD2 1 
ATOM   191 N N   . GLY A 1 27 ? 5.912   1.347   11.338  1.00 18.69 ? 27  GLY A N   1 
ATOM   192 C CA  . GLY A 1 27 ? 6.348   0.543   12.486  1.00 19.42 ? 27  GLY A CA  1 
ATOM   193 C C   . GLY A 1 27 ? 7.818   0.180   12.413  1.00 19.30 ? 27  GLY A C   1 
ATOM   194 O O   . GLY A 1 27 ? 8.393   -0.327  13.391  1.00 19.11 ? 27  GLY A O   1 
ATOM   195 N N   . GLY A 1 28 ? 8.419   0.427   11.248  1.00 19.45 ? 28  GLY A N   1 
ATOM   196 C CA  . GLY A 1 28 ? 9.850   0.207   11.015  1.00 19.95 ? 28  GLY A CA  1 
ATOM   197 C C   . GLY A 1 28 ? 10.228  -1.018  10.211  1.00 19.40 ? 28  GLY A C   1 
ATOM   198 O O   . GLY A 1 28 ? 11.386  -1.437  10.217  1.00 20.37 ? 28  GLY A O   1 
ATOM   199 N N   . ASN A 1 29 ? 9.266   -1.611  9.510   1.00 18.90 ? 29  ASN A N   1 
ATOM   200 C CA  . ASN A 1 29 ? 9.560   -2.750  8.667   1.00 17.49 ? 29  ASN A CA  1 
ATOM   201 C C   . ASN A 1 29 ? 9.849   -2.334  7.241   1.00 17.99 ? 29  ASN A C   1 
ATOM   202 O O   . ASN A 1 29 ? 9.201   -1.404  6.724   1.00 17.76 ? 29  ASN A O   1 
ATOM   203 C CB  . ASN A 1 29 ? 8.385   -3.733  8.655   1.00 17.92 ? 29  ASN A CB  1 
ATOM   204 C CG  . ASN A 1 29 ? 8.281   -4.544  9.932   0.60 17.92 ? 29  ASN A CG  1 
ATOM   205 O OD1 . ASN A 1 29 ? 7.201   -4.700  10.500  0.30 17.72 ? 29  ASN A OD1 1 
ATOM   206 N ND2 . ASN A 1 29 ? 9.409   -5.050  10.397  1.00 15.58 ? 29  ASN A ND2 1 
ATOM   207 N N   . ASP A 1 30 ? 10.797  -3.027  6.596   1.00 16.98 ? 30  ASP A N   1 
ATOM   208 C CA  . ASP A 1 30 ? 10.861  -3.035  5.132   1.00 16.87 ? 30  ASP A CA  1 
ATOM   209 C C   . ASP A 1 30 ? 9.553   -3.699  4.708   1.00 16.34 ? 30  ASP A C   1 
ATOM   210 O O   . ASP A 1 30 ? 9.104   -4.657  5.346   1.00 15.27 ? 30  ASP A O   1 
ATOM   211 C CB  . ASP A 1 30 ? 12.044  -3.854  4.599   1.00 17.10 ? 30  ASP A CB  1 
ATOM   212 C CG  . ASP A 1 30 ? 13.393  -3.148  4.755   1.00 19.76 ? 30  ASP A CG  1 
ATOM   213 O OD1 . ASP A 1 30 ? 13.467  -1.917  4.611   1.00 22.25 ? 30  ASP A OD1 1 
ATOM   214 O OD2 . ASP A 1 30 ? 14.388  -3.843  5.019   1.00 21.89 ? 30  ASP A OD2 1 
ATOM   215 N N   . VAL A 1 31 ? 8.899   -3.155  3.685   1.00 15.97 ? 31  VAL A N   1 
ATOM   216 C CA  . VAL A 1 31 ? 7.620   -3.694  3.270   1.00 15.69 ? 31  VAL A CA  1 
ATOM   217 C C   . VAL A 1 31 ? 7.823   -4.647  2.103   1.00 16.31 ? 31  VAL A C   1 
ATOM   218 O O   . VAL A 1 31 ? 8.222   -4.245  1.027   1.00 15.61 ? 31  VAL A O   1 
ATOM   219 C CB  . VAL A 1 31 ? 6.563   -2.593  2.903   1.00 16.01 ? 31  VAL A CB  1 
ATOM   220 C CG1 . VAL A 1 31 ? 5.192   -3.248  2.720   1.00 14.50 ? 31  VAL A CG1 1 
ATOM   221 C CG2 . VAL A 1 31 ? 6.471   -1.541  3.999   1.00 15.41 ? 31  VAL A CG2 1 
ATOM   222 N N   . TYR A 1 32 ? 7.542   -5.923  2.330   1.00 17.85 ? 32  TYR A N   1 
ATOM   223 C CA  . TYR A 1 32 ? 7.669   -6.919  1.266   1.00 18.94 ? 32  TYR A CA  1 
ATOM   224 C C   . TYR A 1 32 ? 6.335   -7.187  0.624   1.00 18.82 ? 32  TYR A C   1 
ATOM   225 O O   . TYR A 1 32 ? 5.322   -7.270  1.305   1.00 18.97 ? 32  TYR A O   1 
ATOM   226 C CB  . TYR A 1 32 ? 8.212   -8.220  1.849   1.00 19.56 ? 32  TYR A CB  1 
ATOM   227 C CG  . TYR A 1 32 ? 9.456   -8.017  2.679   1.00 20.08 ? 32  TYR A CG  1 
ATOM   228 C CD1 . TYR A 1 32 ? 10.627  -7.563  2.091   1.00 19.52 ? 32  TYR A CD1 1 
ATOM   229 C CD2 . TYR A 1 32 ? 9.454   -8.256  4.055   1.00 20.38 ? 32  TYR A CD2 1 
ATOM   230 C CE1 . TYR A 1 32 ? 11.771  -7.368  2.826   1.00 22.18 ? 32  TYR A CE1 1 
ATOM   231 C CE2 . TYR A 1 32 ? 10.602  -8.063  4.815   1.00 22.64 ? 32  TYR A CE2 1 
ATOM   232 C CZ  . TYR A 1 32 ? 11.760  -7.623  4.187   1.00 22.08 ? 32  TYR A CZ  1 
ATOM   233 O OH  . TYR A 1 32 ? 12.912  -7.419  4.900   1.00 23.21 ? 32  TYR A OH  1 
ATOM   234 N N   . ILE A 1 33 ? 6.336   -7.383  -0.692  1.00 20.37 ? 33  ILE A N   1 
ATOM   235 C CA  . ILE A 1 33 ? 5.092   -7.648  -1.405  1.00 21.33 ? 33  ILE A CA  1 
ATOM   236 C C   . ILE A 1 33 ? 4.369   -8.867  -0.840  1.00 21.96 ? 33  ILE A C   1 
ATOM   237 O O   . ILE A 1 33 ? 3.150   -8.871  -0.769  1.00 21.86 ? 33  ILE A O   1 
ATOM   238 C CB  . ILE A 1 33 ? 5.302   -7.763  -2.941  1.00 21.69 ? 33  ILE A CB  1 
ATOM   239 C CG1 . ILE A 1 33 ? 3.996   -7.403  -3.671  1.00 22.96 ? 33  ILE A CG1 1 
ATOM   240 C CG2 . ILE A 1 33 ? 5.847   -9.128  -3.318  1.00 22.81 ? 33  ILE A CG2 1 
ATOM   241 C CD1 . ILE A 1 33 ? 4.188   -6.744  -5.040  1.00 24.86 ? 33  ILE A CD1 1 
ATOM   242 N N   . GLN A 1 34 ? 5.145   -9.867  -0.408  1.00 22.50 ? 34  GLN A N   1 
ATOM   243 C CA  . GLN A 1 34 ? 4.629   -11.101 0.195   1.00 23.43 ? 34  GLN A CA  1 
ATOM   244 C C   . GLN A 1 34 ? 3.852   -10.816 1.486   1.00 22.97 ? 34  GLN A C   1 
ATOM   245 O O   . GLN A 1 34 ? 2.798   -11.398 1.723   1.00 23.63 ? 34  GLN A O   1 
ATOM   246 C CB  . GLN A 1 34 ? 5.791   -12.073 0.499   1.00 24.04 ? 34  GLN A CB  1 
ATOM   247 C CG  . GLN A 1 34 ? 6.668   -12.465 -0.701  1.00 26.38 ? 34  GLN A CG  1 
ATOM   248 C CD  . GLN A 1 34 ? 7.678   -11.406 -1.137  0.80 29.13 ? 34  GLN A CD  1 
ATOM   249 O OE1 . GLN A 1 34 ? 8.024   -10.511 -0.381  1.00 31.11 ? 34  GLN A OE1 1 
ATOM   250 N NE2 . GLN A 1 34 ? 8.166   -11.522 -2.379  0.60 30.92 ? 34  GLN A NE2 1 
ATOM   251 N N   . TYR A 1 35 ? 4.381   -9.911  2.305   1.00 22.02 ? 35  TYR A N   1 
ATOM   252 C CA  . TYR A 1 35 ? 3.711   -9.495  3.531   1.00 21.38 ? 35  TYR A CA  1 
ATOM   253 C C   . TYR A 1 35 ? 2.384   -8.769  3.261   1.00 20.36 ? 35  TYR A C   1 
ATOM   254 O O   . TYR A 1 35 ? 1.371   -9.051  3.920   1.00 20.17 ? 35  TYR A O   1 
ATOM   255 C CB  . TYR A 1 35 ? 4.630   -8.620  4.388   1.00 22.11 ? 35  TYR A CB  1 
ATOM   256 C CG  . TYR A 1 35 ? 3.889   -7.895  5.488   1.00 22.73 ? 35  TYR A CG  1 
ATOM   257 C CD1 . TYR A 1 35 ? 3.610   -8.521  6.695   1.00 22.49 ? 35  TYR A CD1 1 
ATOM   258 C CD2 . TYR A 1 35 ? 3.435   -6.585  5.299   1.00 23.25 ? 35  TYR A CD2 1 
ATOM   259 C CE1 . TYR A 1 35 ? 2.919   -7.855  7.704   1.00 22.97 ? 35  TYR A CE1 1 
ATOM   260 C CE2 . TYR A 1 35 ? 2.738   -5.917  6.292   1.00 23.86 ? 35  TYR A CE2 1 
ATOM   261 C CZ  . TYR A 1 35 ? 2.477   -6.557  7.485   1.00 23.02 ? 35  TYR A CZ  1 
ATOM   262 O OH  . TYR A 1 35 ? 1.791   -5.877  8.461   1.00 24.95 ? 35  TYR A OH  1 
ATOM   263 N N   . ILE A 1 36 ? 2.386   -7.829  2.315   1.00 19.46 ? 36  ILE A N   1 
ATOM   264 C CA  . ILE A 1 36 ? 1.150   -7.127  1.946   1.00 18.59 ? 36  ILE A CA  1 
ATOM   265 C C   . ILE A 1 36 ? 0.078   -8.138  1.580   1.00 19.23 ? 36  ILE A C   1 
ATOM   266 O O   . ILE A 1 36 ? -1.056  -8.057  2.055   1.00 17.85 ? 36  ILE A O   1 
ATOM   267 C CB  . ILE A 1 36 ? 1.358   -6.129  0.789   1.00 18.23 ? 36  ILE A CB  1 
ATOM   268 C CG1 . ILE A 1 36 ? 2.381   -5.053  1.173   1.00 17.86 ? 36  ILE A CG1 1 
ATOM   269 C CG2 . ILE A 1 36 ? 0.027   -5.448  0.416   1.00 17.76 ? 36  ILE A CG2 1 
ATOM   270 C CD1 . ILE A 1 36 ? 2.895   -4.264  -0.040  1.00 16.79 ? 36  ILE A CD1 1 
ATOM   271 N N   . ALA A 1 37 ? 0.467   -9.106  0.748   1.00 19.99 ? 37  ALA A N   1 
ATOM   272 C CA  . ALA A 1 37 ? -0.404  -10.211 0.357   1.00 21.80 ? 37  ALA A CA  1 
ATOM   273 C C   . ALA A 1 37 ? -0.949  -10.987 1.557   1.00 22.47 ? 37  ALA A C   1 
ATOM   274 O O   . ALA A 1 37 ? -2.117  -11.335 1.554   1.00 24.34 ? 37  ALA A O   1 
ATOM   275 C CB  . ALA A 1 37 ? 0.321   -11.157 -0.595  1.00 21.24 ? 37  ALA A CB  1 
ATOM   276 N N   . SER A 1 38 ? -0.119  -11.245 2.574   1.00 24.75 ? 38  SER A N   1 
ATOM   277 C CA  . SER A 1 38 ? -0.574  -11.981 3.783   1.00 25.49 ? 38  SER A CA  1 
ATOM   278 C C   . SER A 1 38 ? -1.647  -11.211 4.563   1.00 25.90 ? 38  SER A C   1 
ATOM   279 O O   . SER A 1 38 ? -2.502  -11.819 5.223   1.00 26.96 ? 38  SER A O   1 
ATOM   280 C CB  . SER A 1 38 ? 0.590   -12.350 4.714   1.00 26.30 ? 38  SER A CB  1 
ATOM   281 O OG  . SER A 1 38 ? 0.975   -11.273 5.571   1.00 27.71 ? 38  SER A OG  1 
ATOM   282 N N   . LYS A 1 39 ? -1.599  -9.883  4.462   1.00 24.69 ? 39  LYS A N   1 
ATOM   283 C CA  . LYS A 1 39 ? -2.463  -8.980  5.232   1.00 24.46 ? 39  LYS A CA  1 
ATOM   284 C C   . LYS A 1 39 ? -3.776  -8.596  4.554   1.00 24.53 ? 39  LYS A C   1 
ATOM   285 O O   . LYS A 1 39 ? -4.764  -8.302  5.224   1.00 24.90 ? 39  LYS A O   1 
ATOM   286 C CB  . LYS A 1 39 ? -1.695  -7.694  5.550   1.00 24.44 ? 39  LYS A CB  1 
ATOM   287 C CG  . LYS A 1 39 ? -0.615  -7.850  6.587   1.00 25.59 ? 39  LYS A CG  1 
ATOM   288 C CD  . LYS A 1 39 ? -1.215  -8.014  7.983   1.00 27.23 ? 39  LYS A CD  1 
ATOM   289 C CE  . LYS A 1 39 ? -0.244  -8.750  8.870   1.00 29.13 ? 39  LYS A CE  1 
ATOM   290 N NZ  . LYS A 1 39 ? -0.917  -9.428  10.012  1.00 29.27 ? 39  LYS A NZ  1 
ATOM   291 N N   . VAL A 1 40 ? -3.783  -8.549  3.229   1.00 24.28 ? 40  VAL A N   1 
ATOM   292 C CA  . VAL A 1 40 ? -4.975  -8.095  2.505   1.00 24.75 ? 40  VAL A CA  1 
ATOM   293 C C   . VAL A 1 40 ? -5.744  -9.293  1.926   1.00 24.88 ? 40  VAL A C   1 
ATOM   294 O O   . VAL A 1 40 ? -5.290  -10.430 2.014   1.00 24.98 ? 40  VAL A O   1 
ATOM   295 C CB  . VAL A 1 40 ? -4.646  -7.033  1.414   1.00 24.55 ? 40  VAL A CB  1 
ATOM   296 C CG1 . VAL A 1 40 ? -3.930  -5.826  2.038   1.00 24.76 ? 40  VAL A CG1 1 
ATOM   297 C CG2 . VAL A 1 40 ? -3.815  -7.626  0.298   1.00 24.92 ? 40  VAL A CG2 1 
ATOM   298 N N   . ASN A 1 41 ? -6.911  -9.036  1.361   1.00 25.28 ? 41  ASN A N   1 
ATOM   299 C CA  . ASN A 1 41 ? -7.693  -10.107 0.740   1.00 26.11 ? 41  ASN A CA  1 
ATOM   300 C C   . ASN A 1 41 ? -7.598  -10.081 -0.787  1.00 26.12 ? 41  ASN A C   1 
ATOM   301 O O   . ASN A 1 41 ? -8.617  -9.985  -1.484  1.00 27.01 ? 41  ASN A O   1 
ATOM   302 C CB  . ASN A 1 41 ? -9.151  -10.064 1.219   1.00 26.40 ? 41  ASN A CB  1 
ATOM   303 C CG  . ASN A 1 41 ? -9.337  -10.740 2.565   0.60 26.91 ? 41  ASN A CG  1 
ATOM   304 O OD1 . ASN A 1 41 ? -8.114  -11.256 3.250   0.00 52.69 ? 41  ASN A OD1 1 
ATOM   305 N ND2 . ASN A 1 41 ? -9.811  -10.539 3.563   0.00 33.78 ? 41  ASN A ND2 1 
ATOM   306 N N   . SER A 1 42 ? -6.361  -10.163 -1.286  1.00 25.22 ? 42  SER A N   1 
ATOM   307 C CA  . SER A 1 42 ? -6.072  -10.216 -2.708  1.00 24.52 ? 42  SER A CA  1 
ATOM   308 C C   . SER A 1 42 ? -4.995  -11.267 -2.991  1.00 22.96 ? 42  SER A C   1 
ATOM   309 O O   . SER A 1 42 ? -4.081  -11.464 -2.185  1.00 22.98 ? 42  SER A O   1 
ATOM   310 C CB  . SER A 1 42 ? -5.587  -8.852  -3.216  1.00 24.47 ? 42  SER A CB  1 
ATOM   311 O OG  . SER A 1 42 ? -6.654  -7.938  -3.400  1.00 25.82 ? 42  SER A OG  1 
ATOM   312 N N   . PRO A 1 43 ? -5.090  -11.928 -4.153  1.00 21.63 ? 43  PRO A N   1 
ATOM   313 C CA  . PRO A 1 43 ? -4.023  -12.829 -4.601  1.00 20.46 ? 43  PRO A CA  1 
ATOM   314 C C   . PRO A 1 43 ? -2.746  -12.043 -4.898  1.00 19.30 ? 43  PRO A C   1 
ATOM   315 O O   . PRO A 1 43 ? -2.809  -10.855 -5.175  1.00 18.02 ? 43  PRO A O   1 
ATOM   316 C CB  . PRO A 1 43 ? -4.581  -13.416 -5.901  1.00 20.35 ? 43  PRO A CB  1 
ATOM   317 C CG  . PRO A 1 43 ? -6.031  -13.147 -5.881  1.00 20.99 ? 43  PRO A CG  1 
ATOM   318 C CD  . PRO A 1 43 ? -6.199  -11.875 -5.118  1.00 21.83 ? 43  PRO A CD  1 
ATOM   319 N N   . HIS A 1 44 ? -1.596  -12.706 -4.839  1.00 18.70 ? 44  HIS A N   1 
ATOM   320 C CA  . HIS A 1 44 ? -0.312  -12.050 -5.126  1.00 18.79 ? 44  HIS A CA  1 
ATOM   321 C C   . HIS A 1 44 ? -0.319  -11.251 -6.427  1.00 18.12 ? 44  HIS A C   1 
ATOM   322 O O   . HIS A 1 44 ? 0.194   -10.141 -6.462  1.00 17.19 ? 44  HIS A O   1 
ATOM   323 C CB  . HIS A 1 44 ? 0.821   -13.075 -5.181  1.00 19.09 ? 44  HIS A CB  1 
ATOM   324 C CG  . HIS A 1 44 ? 1.036   -13.807 -3.898  1.00 19.71 ? 44  HIS A CG  1 
ATOM   325 N ND1 . HIS A 1 44 ? 0.483   -13.641 -2.674  1.00 22.30 ? 44  HIS A ND1 1 
ATOM   326 C CD2 . HIS A 1 44 ? 1.903   -14.870 -3.788  1.00 20.27 ? 44  HIS A CD2 1 
ATOM   327 C CE1 . HIS A 1 44 ? 1.038   -14.585 -1.845  1.00 22.08 ? 44  HIS A CE1 1 
ATOM   328 N NE2 . HIS A 1 44 ? 1.894   -15.310 -2.540  1.00 20.19 ? 44  HIS A NE2 1 
ATOM   329 N N   . SER A 1 45 ? -0.906  -11.808 -7.486  1.00 18.20 ? 45  SER A N   1 
ATOM   330 C CA  . SER A 1 45 ? -0.920  -11.131 -8.799  1.00 18.79 ? 45  SER A CA  1 
ATOM   331 C C   . SER A 1 45 ? -1.688  -9.812  -8.788  1.00 18.87 ? 45  SER A C   1 
ATOM   332 O O   . SER A 1 45 ? -1.306  -8.860  -9.486  1.00 18.40 ? 45  SER A O   1 
ATOM   333 C CB  . SER A 1 45 ? -1.538  -12.024 -9.875  1.00 19.28 ? 45  SER A CB  1 
ATOM   334 O OG  . SER A 1 45 ? -2.850  -12.390 -9.484  1.00 21.88 ? 45  SER A OG  1 
ATOM   335 N N   . TYR A 1 46 ? -2.778  -9.761  -8.024  1.00 18.56 ? 46  TYR A N   1 
ATOM   336 C CA  . TYR A 1 46 ? -3.536  -8.521  -7.890  1.00 19.48 ? 46  TYR A CA  1 
ATOM   337 C C   . TYR A 1 46 ? -2.777  -7.453  -7.101  1.00 18.74 ? 46  TYR A C   1 
ATOM   338 O O   . TYR A 1 46 ? -2.760  -6.287  -7.487  1.00 18.89 ? 46  TYR A O   1 
ATOM   339 C CB  . TYR A 1 46 ? -4.899  -8.753  -7.241  1.00 20.69 ? 46  TYR A CB  1 
ATOM   340 C CG  . TYR A 1 46 ? -5.750  -7.511  -7.282  1.00 23.23 ? 46  TYR A CG  1 
ATOM   341 C CD1 . TYR A 1 46 ? -6.370  -7.123  -8.460  1.00 24.99 ? 46  TYR A CD1 1 
ATOM   342 C CD2 . TYR A 1 46 ? -5.911  -6.705  -6.152  1.00 24.62 ? 46  TYR A CD2 1 
ATOM   343 C CE1 . TYR A 1 46 ? -7.153  -5.987  -8.515  1.00 26.86 ? 46  TYR A CE1 1 
ATOM   344 C CE2 . TYR A 1 46 ? -6.694  -5.560  -6.197  1.00 25.34 ? 46  TYR A CE2 1 
ATOM   345 C CZ  . TYR A 1 46 ? -7.310  -5.208  -7.388  1.00 25.62 ? 46  TYR A CZ  1 
ATOM   346 O OH  . TYR A 1 46 ? -8.097  -4.082  -7.476  1.00 26.85 ? 46  TYR A OH  1 
ATOM   347 N N   . VAL A 1 47 ? -2.163  -7.854  -5.990  1.00 17.95 ? 47  VAL A N   1 
ATOM   348 C CA  . VAL A 1 47 ? -1.287  -6.957  -5.241  1.00 17.34 ? 47  VAL A CA  1 
ATOM   349 C C   . VAL A 1 47 ? -0.201  -6.367  -6.160  1.00 17.83 ? 47  VAL A C   1 
ATOM   350 O O   . VAL A 1 47 ? 0.038   -5.146  -6.173  1.00 17.74 ? 47  VAL A O   1 
ATOM   351 C CB  . VAL A 1 47 ? -0.674  -7.690  -4.024  1.00 17.36 ? 47  VAL A CB  1 
ATOM   352 C CG1 . VAL A 1 47 ? 0.355   -6.811  -3.298  1.00 17.15 ? 47  VAL A CG1 1 
ATOM   353 C CG2 . VAL A 1 47 ? -1.779  -8.116  -3.071  1.00 16.21 ? 47  VAL A CG2 1 
ATOM   354 N N   . TRP A 1 48 ? 0.432   -7.231  -6.943  1.00 18.25 ? 48  TRP A N   1 
ATOM   355 C CA  . TRP A 1 48 ? 1.448   -6.815  -7.904  1.00 19.46 ? 48  TRP A CA  1 
ATOM   356 C C   . TRP A 1 48 ? 0.898   -5.747  -8.853  1.00 18.85 ? 48  TRP A C   1 
ATOM   357 O O   . TRP A 1 48 ? 1.526   -4.698  -9.032  1.00 18.86 ? 48  TRP A O   1 
ATOM   358 C CB  . TRP A 1 48 ? 1.952   -8.039  -8.668  1.00 20.30 ? 48  TRP A CB  1 
ATOM   359 C CG  . TRP A 1 48 ? 3.155   -7.796  -9.524  1.00 24.75 ? 48  TRP A CG  1 
ATOM   360 C CD1 . TRP A 1 48 ? 4.462   -7.801  -9.126  1.00 27.15 ? 48  TRP A CD1 1 
ATOM   361 C CD2 . TRP A 1 48 ? 3.164   -7.548  -10.938 1.00 26.27 ? 48  TRP A CD2 1 
ATOM   362 N NE1 . TRP A 1 48 ? 5.286   -7.549  -10.205 1.00 28.98 ? 48  TRP A NE1 1 
ATOM   363 C CE2 . TRP A 1 48 ? 4.514   -7.398  -11.328 1.00 27.79 ? 48  TRP A CE2 1 
ATOM   364 C CE3 . TRP A 1 48 ? 1.925   -7.247  -11.666 0.00 47.55 ? 48  TRP A CE3 1 
ATOM   365 C CZ2 . TRP A 1 48 ? 4.591   -6.973  -12.632 0.00 52.75 ? 48  TRP A CZ2 1 
ATOM   366 C CZ3 . TRP A 1 48 ? 2.173   -6.913  -12.992 0.00 52.67 ? 48  TRP A CZ3 1 
ATOM   367 C CH2 . TRP A 1 48 ? 3.503   -6.782  -13.468 0.00 53.14 ? 48  TRP A CH2 1 
ATOM   368 N N   . LEU A 1 49 ? -0.291  -5.993  -9.410  1.00 18.83 ? 49  LEU A N   1 
ATOM   369 C CA  . LEU A 1 49 ? -0.930  -5.050  -10.361 1.00 19.20 ? 49  LEU A CA  1 
ATOM   370 C C   . LEU A 1 49 ? -1.187  -3.678  -9.725  1.00 18.49 ? 49  LEU A C   1 
ATOM   371 O O   . LEU A 1 49 ? -0.900  -2.632  -10.325 1.00 18.13 ? 49  LEU A O   1 
ATOM   372 C CB  . LEU A 1 49 ? -2.243  -5.645  -10.906 1.00 18.99 ? 49  LEU A CB  1 
ATOM   373 C CG  . LEU A 1 49 ? -3.049  -4.895  -11.991 1.00 19.91 ? 49  LEU A CG  1 
ATOM   374 C CD1 . LEU A 1 49 ? -2.310  -4.902  -13.317 0.00 20.45 ? 49  LEU A CD1 1 
ATOM   375 C CD2 . LEU A 1 49 ? -4.414  -5.536  -12.176 1.00 21.07 ? 49  LEU A CD2 1 
ATOM   376 N N   . ILE A 1 50 ? -1.733  -3.685  -8.513  1.00 17.53 ? 50  ILE A N   1 
ATOM   377 C CA  . ILE A 1 50 ? -2.013  -2.438  -7.791  1.00 18.34 ? 50  ILE A CA  1 
ATOM   378 C C   . ILE A 1 50 ? -0.746  -1.654  -7.452  1.00 17.94 ? 50  ILE A C   1 
ATOM   379 O O   . ILE A 1 50 ? -0.699  -0.427  -7.618  1.00 17.44 ? 50  ILE A O   1 
ATOM   380 C CB  . ILE A 1 50 ? -2.875  -2.695  -6.521  1.00 17.95 ? 50  ILE A CB  1 
ATOM   381 C CG1 . ILE A 1 50 ? -4.274  -3.196  -6.912  1.00 19.43 ? 50  ILE A CG1 1 
ATOM   382 C CG2 . ILE A 1 50 ? -2.944  -1.451  -5.624  1.00 19.52 ? 50  ILE A CG2 1 
ATOM   383 C CD1 . ILE A 1 50 ? -5.079  -2.250  -7.857  1.00 21.35 ? 50  ILE A CD1 1 
ATOM   384 N N   . ILE A 1 51 ? 0.273   -2.360  -6.968  1.00 18.03 ? 51  ILE A N   1 
ATOM   385 C CA  . ILE A 1 51 ? 1.586   -1.758  -6.712  1.00 18.82 ? 51  ILE A CA  1 
ATOM   386 C C   . ILE A 1 51 ? 2.126   -1.073  -7.972  1.00 19.09 ? 51  ILE A C   1 
ATOM   387 O O   . ILE A 1 51 ? 2.626   0.053   -7.906  1.00 19.70 ? 51  ILE A O   1 
ATOM   388 C CB  . ILE A 1 51 ? 2.608   -2.815  -6.176  1.00 18.42 ? 51  ILE A CB  1 
ATOM   389 C CG1 . ILE A 1 51 ? 2.170   -3.364  -4.806  1.00 18.96 ? 51  ILE A CG1 1 
ATOM   390 C CG2 . ILE A 1 51 ? 4.030   -2.244  -6.120  1.00 19.13 ? 51  ILE A CG2 1 
ATOM   391 C CD1 . ILE A 1 51 ? 2.043   -2.350  -3.689  1.00 20.12 ? 51  ILE A CD1 1 
ATOM   392 N N   . LYS A 1 52 ? 2.016   -1.741  -9.117  1.00 19.81 ? 52  LYS A N   1 
ATOM   393 C CA  . LYS A 1 52 ? 2.471   -1.145  -10.381 1.00 20.59 ? 52  LYS A CA  1 
ATOM   394 C C   . LYS A 1 52 ? 1.680   0.130   -10.711 1.00 20.63 ? 52  LYS A C   1 
ATOM   395 O O   . LYS A 1 52 ? 2.241   1.103   -11.219 1.00 20.75 ? 52  LYS A O   1 
ATOM   396 C CB  . LYS A 1 52 ? 2.413   -2.158  -11.536 1.00 21.39 ? 52  LYS A CB  1 
ATOM   397 C CG  . LYS A 1 52 ? 3.376   -3.369  -11.398 1.00 22.71 ? 52  LYS A CG  1 
ATOM   398 C CD  . LYS A 1 52 ? 4.829   -3.017  -11.699 0.30 24.35 ? 52  LYS A CD  1 
ATOM   399 C CE  . LYS A 1 52 ? 5.708   -4.251  -11.808 0.00 22.87 ? 52  LYS A CE  1 
ATOM   400 N NZ  . LYS A 1 52 ? 5.946   -5.124  -11.827 0.00 35.38 ? 52  LYS A NZ  1 
ATOM   401 N N   . LYS A 1 53 ? 0.390   0.135   -10.393 1.00 20.42 ? 53  LYS A N   1 
ATOM   402 C CA  . LYS A 1 53 ? -0.428  1.334   -10.598 1.00 20.95 ? 53  LYS A CA  1 
ATOM   403 C C   . LYS A 1 53 ? 0.006   2.459   -9.650  1.00 21.25 ? 53  LYS A C   1 
ATOM   404 O O   . LYS A 1 53 ? 0.082   3.629   -10.059 1.00 20.63 ? 53  LYS A O   1 
ATOM   405 C CB  . LYS A 1 53 ? -1.920  1.023   -10.457 1.00 20.65 ? 53  LYS A CB  1 
ATOM   406 C CG  . LYS A 1 53 ? -2.456  0.095   -11.575 1.00 20.90 ? 53  LYS A CG  1 
ATOM   407 C CD  . LYS A 1 53 ? -3.980  -0.042  -11.531 1.00 21.95 ? 53  LYS A CD  1 
ATOM   408 C CE  . LYS A 1 53 ? -4.508  -0.783  -12.749 0.10 21.04 ? 53  LYS A CE  1 
ATOM   409 N NZ  . LYS A 1 53 ? -5.372  -1.189  -12.336 0.00 36.44 ? 53  LYS A NZ  1 
ATOM   410 N N   . PHE A 1 54 ? 0.303   2.103   -8.399  1.00 21.19 ? 54  PHE A N   1 
ATOM   411 C CA  . PHE A 1 54 ? 0.812   3.073   -7.421  1.00 22.01 ? 54  PHE A CA  1 
ATOM   412 C C   . PHE A 1 54 ? 2.146   3.654   -7.868  1.00 22.66 ? 54  PHE A C   1 
ATOM   413 O O   . PHE A 1 54 ? 2.394   4.856   -7.705  1.00 22.63 ? 54  PHE A O   1 
ATOM   414 C CB  . PHE A 1 54 ? 0.971   2.453   -6.019  1.00 21.78 ? 54  PHE A CB  1 
ATOM   415 C CG  . PHE A 1 54 ? -0.327  2.229   -5.287  1.00 23.15 ? 54  PHE A CG  1 
ATOM   416 C CD1 . PHE A 1 54 ? -1.469  2.956   -5.606  1.00 25.09 ? 54  PHE A CD1 1 
ATOM   417 C CD2 . PHE A 1 54 ? -0.393  1.323   -4.242  1.00 23.40 ? 54  PHE A CD2 1 
ATOM   418 C CE1 . PHE A 1 54 ? -2.665  2.749   -4.916  1.00 25.41 ? 54  PHE A CE1 1 
ATOM   419 C CE2 . PHE A 1 54 ? -1.583  1.120   -3.545  1.00 23.23 ? 54  PHE A CE2 1 
ATOM   420 C CZ  . PHE A 1 54 ? -2.721  1.829   -3.894  1.00 22.88 ? 54  PHE A CZ  1 
ATOM   421 N N   . GLU A 1 55 ? 3.004   2.784   -8.400  1.00 23.50 ? 55  GLU A N   1 
ATOM   422 C CA  . GLU A 1 55 ? 4.310   3.168   -8.936  1.00 25.41 ? 55  GLU A CA  1 
ATOM   423 C C   . GLU A 1 55 ? 4.124   4.157   -10.108 1.00 25.55 ? 55  GLU A C   1 
ATOM   424 O O   . GLU A 1 55 ? 4.799   5.191   -10.169 1.00 25.46 ? 55  GLU A O   1 
ATOM   425 C CB  . GLU A 1 55 ? 5.076   1.903   -9.353  1.00 25.12 ? 55  GLU A CB  1 
ATOM   426 C CG  . GLU A 1 55 ? 6.567   2.056   -9.611  1.00 27.63 ? 55  GLU A CG  1 
ATOM   427 C CD  . GLU A 1 55 ? 7.221   0.750   -10.078 1.00 27.46 ? 55  GLU A CD  1 
ATOM   428 O OE1 . GLU A 1 55 ? 6.508   -0.157  -10.583 1.00 30.91 ? 55  GLU A OE1 1 
ATOM   429 O OE2 . GLU A 1 55 ? 8.457   0.630   -9.946  0.40 29.16 ? 55  GLU A OE2 1 
ATOM   430 N N   . GLU A 1 56 ? 3.186   3.849   -11.008 1.00 26.05 ? 56  GLU A N   1 
ATOM   431 C CA  . GLU A 1 56 ? 2.818   4.736   -12.128 1.00 26.71 ? 56  GLU A CA  1 
ATOM   432 C C   . GLU A 1 56 ? 2.368   6.109   -11.638 1.00 26.74 ? 56  GLU A C   1 
ATOM   433 O O   . GLU A 1 56 ? 2.742   7.135   -12.218 1.00 26.91 ? 56  GLU A O   1 
ATOM   434 C CB  . GLU A 1 56 ? 1.721   4.083   -12.986 1.00 26.79 ? 56  GLU A CB  1 
ATOM   435 C CG  . GLU A 1 56 ? 1.376   4.809   -14.286 0.00 27.70 ? 56  GLU A CG  1 
ATOM   436 C CD  . GLU A 1 56 ? 0.368   4.053   -15.148 0.10 27.98 ? 56  GLU A CD  1 
ATOM   437 O OE1 . GLU A 1 56 ? -0.609  3.482   -14.602 0.80 32.09 ? 56  GLU A OE1 1 
ATOM   438 O OE2 . GLU A 1 56 ? 0.543   4.041   -16.384 0.00 29.36 ? 56  GLU A OE2 1 
ATOM   439 N N   . ALA A 1 57 ? 1.576   6.114   -10.562 1.00 26.32 ? 57  ALA A N   1 
ATOM   440 C CA  . ALA A 1 57 ? 1.068   7.329   -9.919  1.00 25.86 ? 57  ALA A CA  1 
ATOM   441 C C   . ALA A 1 57 ? 2.096   8.025   -9.016  1.00 25.63 ? 57  ALA A C   1 
ATOM   442 O O   . ALA A 1 57 ? 1.767   8.992   -8.305  1.00 25.60 ? 57  ALA A O   1 
ATOM   443 C CB  . ALA A 1 57 ? -0.191  7.000   -9.120  1.00 26.02 ? 57  ALA A CB  1 
ATOM   444 N N   . LYS A 1 58 ? 3.308   7.547   -9.078  1.00 25.20 ? 58  LYS A N   1 
ATOM   445 C CA  . LYS A 1 58 ? 4.388   8.021   -8.254  1.00 24.94 ? 58  LYS A CA  1 
ATOM   446 C C   . LYS A 1 58 ? 4.162   8.026   -6.725  1.00 24.11 ? 58  LYS A C   1 
ATOM   447 O O   . LYS A 1 58 ? 4.699   8.830   -6.038  1.00 24.12 ? 58  LYS A O   1 
ATOM   448 C CB  . LYS A 1 58 ? 4.882   9.360   -8.800  1.00 24.98 ? 58  LYS A CB  1 
ATOM   449 C CG  . LYS A 1 58 ? 5.290   9.292   -10.259 1.00 26.24 ? 58  LYS A CG  1 
ATOM   450 C CD  . LYS A 1 58 ? 5.739   10.639  -10.751 0.00 25.13 ? 58  LYS A CD  1 
ATOM   451 C CE  . LYS A 1 58 ? 6.721   10.572  -11.930 0.00 33.76 ? 58  LYS A CE  1 
ATOM   452 N NZ  . LYS A 1 58 ? 7.033   11.944  -12.471 0.05 26.87 ? 58  LYS A NZ  1 
ATOM   453 N N   . MET A 1 59 ? 3.368   7.091   -6.224  1.00 23.61 ? 59  MET A N   1 
ATOM   454 C CA  . MET A 1 59 ? 3.020   6.986   -4.799  1.00 23.81 ? 59  MET A CA  1 
ATOM   455 C C   . MET A 1 59 ? 3.890   5.957   -4.059  1.00 22.94 ? 59  MET A C   1 
ATOM   456 O O   . MET A 1 59 ? 4.026   6.011   -2.834  1.00 22.36 ? 59  MET A O   1 
ATOM   457 C CB  . MET A 1 59 ? 1.549   6.612   -4.619  1.00 23.41 ? 59  MET A CB  1 
ATOM   458 C CG  . MET A 1 59 ? 0.557   7.680   -5.086  1.00 24.63 ? 59  MET A CG  1 
ATOM   459 S SD  . MET A 1 59 ? -1.107  7.002   -5.198  1.00 27.58 ? 59  MET A SD  1 
ATOM   460 C CE  . MET A 1 59 ? -1.456  6.704   -3.464  1.00 26.20 ? 59  MET A CE  1 
ATOM   461 N N   . VAL A 1 60 ? 4.446   5.015   -4.807  1.00 22.76 ? 60  VAL A N   1 
ATOM   462 C CA  . VAL A 1 60 ? 5.384   4.049   -4.246  1.00 22.50 ? 60  VAL A CA  1 
ATOM   463 C C   . VAL A 1 60 ? 6.568   3.891   -5.175  1.00 23.17 ? 60  VAL A C   1 
ATOM   464 O O   . VAL A 1 60 ? 6.487   4.229   -6.358  1.00 21.88 ? 60  VAL A O   1 
ATOM   465 C CB  . VAL A 1 60 ? 4.741   2.645   -4.010  1.00 22.58 ? 60  VAL A CB  1 
ATOM   466 C CG1 . VAL A 1 60 ? 3.482   2.728   -3.142  1.00 21.90 ? 60  VAL A CG1 1 
ATOM   467 C CG2 . VAL A 1 60 ? 4.498   1.906   -5.323  1.00 22.31 ? 60  VAL A CG2 1 
ATOM   468 N N   . GLU A 1 61 ? 7.665   3.374   -4.627  1.00 24.40 ? 61  GLU A N   1 
ATOM   469 C CA  . GLU A 1 61 ? 8.774   2.887   -5.416  1.00 26.93 ? 61  GLU A CA  1 
ATOM   470 C C   . GLU A 1 61 ? 9.019   1.420   -5.055  1.00 27.54 ? 61  GLU A C   1 
ATOM   471 O O   . GLU A 1 61 ? 8.786   1.007   -3.913  1.00 27.35 ? 61  GLU A O   1 
ATOM   472 C CB  . GLU A 1 61 ? 10.037  3.718   -5.169  1.00 26.80 ? 61  GLU A CB  1 
ATOM   473 C CG  . GLU A 1 61 ? 10.038  5.056   -5.879  1.00 29.31 ? 61  GLU A CG  1 
ATOM   474 C CD  . GLU A 1 61 ? 11.187  5.957   -5.457  1.00 29.95 ? 61  GLU A CD  1 
ATOM   475 O OE1 . GLU A 1 61 ? 12.296  5.445   -5.187  1.00 33.88 ? 61  GLU A OE1 1 
ATOM   476 O OE2 . GLU A 1 61 ? 10.976  7.188   -5.409  1.00 34.80 ? 61  GLU A OE2 1 
ATOM   477 N N   . CYS A 1 62 ? 9.448   0.645   -6.048  1.00 28.88 ? 62  CYS A N   1 
ATOM   478 C CA  . CYS A 1 62 ? 9.787   -0.765  -5.871  1.00 30.69 ? 62  CYS A CA  1 
ATOM   479 C C   . CYS A 1 62 ? 11.264  -0.984  -6.059  1.00 31.07 ? 62  CYS A C   1 
ATOM   480 O O   . CYS A 1 62 ? 11.907  -0.308  -6.868  1.00 31.22 ? 62  CYS A O   1 
ATOM   481 C CB  . CYS A 1 62 ? 9.094   -1.617  -6.928  1.00 31.17 ? 62  CYS A CB  1 
ATOM   482 S SG  . CYS A 1 62 ? 7.339   -1.564  -6.860  1.00 35.18 ? 62  CYS A SG  1 
ATOM   483 N N   . GLU A 1 63 ? 11.812  -1.949  -5.333  1.00 31.26 ? 63  GLU A N   1 
ATOM   484 C CA  . GLU A 1 63 ? 13.102  -2.477  -5.718  1.00 31.87 ? 63  GLU A CA  1 
ATOM   485 C C   . GLU A 1 63 ? 13.227  -3.946  -5.349  1.00 31.60 ? 63  GLU A C   1 
ATOM   486 O O   . GLU A 1 63 ? 12.517  -4.442  -4.478  1.00 31.54 ? 63  GLU A O   1 
ATOM   487 C CB  . GLU A 1 63 ? 14.256  -1.629  -5.174  1.00 31.67 ? 63  GLU A CB  1 
ATOM   488 C CG  . GLU A 1 63 ? 14.543  -1.757  -3.698  1.00 32.72 ? 63  GLU A CG  1 
ATOM   489 C CD  . GLU A 1 63 ? 15.720  -0.894  -3.297  1.00 33.32 ? 63  GLU A CD  1 
ATOM   490 O OE1 . GLU A 1 63 ? 15.554  0.345   -3.235  1.00 36.24 ? 63  GLU A OE1 1 
ATOM   491 O OE2 . GLU A 1 63 ? 16.818  -1.449  -3.066  1.00 36.42 ? 63  GLU A OE2 1 
ATOM   492 N N   . LEU A 1 64 ? 14.102  -4.644  -6.058  1.00 32.14 ? 64  LEU A N   1 
ATOM   493 C CA  . LEU A 1 64 ? 14.340  -6.050  -5.785  1.00 32.30 ? 64  LEU A CA  1 
ATOM   494 C C   . LEU A 1 64 ? 15.581  -6.190  -4.930  1.00 32.09 ? 64  LEU A C   1 
ATOM   495 O O   . LEU A 1 64 ? 16.619  -5.589  -5.219  1.00 32.17 ? 64  LEU A O   1 
ATOM   496 C CB  . LEU A 1 64 ? 14.488  -6.856  -7.078  1.00 32.81 ? 64  LEU A CB  1 
ATOM   497 C CG  . LEU A 1 64 ? 13.223  -7.122  -7.905  1.00 33.89 ? 64  LEU A CG  1 
ATOM   498 C CD1 . LEU A 1 64 ? 13.553  -8.002  -9.098  1.00 34.92 ? 64  LEU A CD1 1 
ATOM   499 C CD2 . LEU A 1 64 ? 12.119  -7.764  -7.073  1.00 34.59 ? 64  LEU A CD2 1 
ATOM   500 N N   . GLU A 1 65 ? 15.438  -6.945  -3.849  1.00 31.52 ? 65  GLU A N   1 
ATOM   501 C CA  . GLU A 1 65 ? 16.551  -7.354  -3.019  1.00 31.66 ? 65  GLU A CA  1 
ATOM   502 C C   . GLU A 1 65 ? 16.626  -8.872  -3.159  1.00 30.71 ? 65  GLU A C   1 
ATOM   503 O O   . GLU A 1 65 ? 15.903  -9.614  -2.485  1.00 30.06 ? 65  GLU A O   1 
ATOM   504 C CB  . GLU A 1 65 ? 16.325  -6.910  -1.573  1.00 31.60 ? 65  GLU A CB  1 
ATOM   505 C CG  . GLU A 1 65 ? 17.385  -7.371  -0.571  1.00 33.33 ? 65  GLU A CG  1 
ATOM   506 C CD  . GLU A 1 65 ? 16.881  -7.313  0.868   1.00 33.29 ? 65  GLU A CD  1 
ATOM   507 O OE1 . GLU A 1 65 ? 16.744  -6.196  1.402   1.00 37.34 ? 65  GLU A OE1 1 
ATOM   508 O OE2 . GLU A 1 65 ? 16.630  -8.379  1.473   1.00 35.61 ? 65  GLU A OE2 1 
ATOM   509 N N   . GLY A 1 66 ? 17.478  -9.328  -4.071  1.00 29.92 ? 66  GLY A N   1 
ATOM   510 C CA  . GLY A 1 66 ? 17.538  -10.753 -4.414  1.00 29.17 ? 66  GLY A CA  1 
ATOM   511 C C   . GLY A 1 66 ? 16.285  -11.167 -5.164  1.00 28.35 ? 66  GLY A C   1 
ATOM   512 O O   . GLY A 1 66 ? 16.009  -10.657 -6.251  1.00 29.28 ? 66  GLY A O   1 
ATOM   513 N N   . ARG A 1 67 ? 15.509  -12.068 -4.573  1.00 27.41 ? 67  ARG A N   1 
ATOM   514 C CA  . ARG A 1 67 ? 14.215  -12.452 -5.129  1.00 26.73 ? 67  ARG A CA  1 
ATOM   515 C C   . ARG A 1 67 ? 13.065  -11.756 -4.391  1.00 26.09 ? 67  ARG A C   1 
ATOM   516 O O   . ARG A 1 67 ? 11.905  -12.109 -4.575  1.00 26.46 ? 67  ARG A O   1 
ATOM   517 C CB  . ARG A 1 67 ? 14.032  -13.972 -5.065  0.70 26.92 ? 67  ARG A CB  1 
ATOM   518 C CG  . ARG A 1 67 ? 14.985  -14.754 -5.942  0.30 26.74 ? 67  ARG A CG  1 
ATOM   519 C CD  . ARG A 1 67 ? 15.379  -15.694 -6.406  0.00 47.41 ? 67  ARG A CD  1 
ATOM   520 N NE  . ARG A 1 67 ? 15.875  -17.718 -7.350  0.70 37.45 ? 67  ARG A NE  1 
ATOM   521 C CZ  . ARG A 1 67 ? 17.172  -17.494 -7.168  0.70 38.05 ? 67  ARG A CZ  1 
ATOM   522 N NH1 . ARG A 1 67 ? 17.622  -16.255 -7.018  0.60 38.20 ? 67  ARG A NH1 1 
ATOM   523 N NH2 . ARG A 1 67 ? 18.019  -18.512 -7.131  0.70 37.79 ? 67  ARG A NH2 1 
ATOM   524 N N   . THR A 1 68 ? 13.395  -10.774 -3.551  1.00 24.90 ? 68  THR A N   1 
ATOM   525 C CA  . THR A 1 68 ? 12.411  -10.148 -2.650  1.00 23.96 ? 68  THR A CA  1 
ATOM   526 C C   . THR A 1 68 ? 12.029  -8.730  -3.098  1.00 23.21 ? 68  THR A C   1 
ATOM   527 O O   . THR A 1 68 ? 12.880  -7.835  -3.119  1.00 23.17 ? 68  THR A O   1 
ATOM   528 C CB  . THR A 1 68 ? 12.968  -10.063 -1.216  1.00 23.97 ? 68  THR A CB  1 
ATOM   529 O OG1 . THR A 1 68 ? 13.424  -11.360 -0.801  1.00 24.77 ? 68  THR A OG1 1 
ATOM   530 C CG2 . THR A 1 68 ? 11.906  -9.553  -0.247  1.00 23.85 ? 68  THR A CG2 1 
ATOM   531 N N   . LYS A 1 69 ? 10.755  -8.527  -3.428  1.00 22.15 ? 69  LYS A N   1 
ATOM   532 C CA  . LYS A 1 69 ? 10.285  -7.202  -3.860  1.00 21.75 ? 69  LYS A CA  1 
ATOM   533 C C   . LYS A 1 69 ? 9.977   -6.340  -2.640  1.00 19.62 ? 69  LYS A C   1 
ATOM   534 O O   . LYS A 1 69 ? 9.161   -6.715  -1.799  1.00 19.04 ? 69  LYS A O   1 
ATOM   535 C CB  . LYS A 1 69 ? 9.054   -7.308  -4.774  1.00 22.06 ? 69  LYS A CB  1 
ATOM   536 C CG  . LYS A 1 69 ? 8.795   -6.020  -5.566  1.00 23.65 ? 69  LYS A CG  1 
ATOM   537 C CD  . LYS A 1 69 ? 7.866   -6.212  -6.771  1.00 24.70 ? 69  LYS A CD  1 
ATOM   538 C CE  . LYS A 1 69 ? 7.807   -4.924  -7.594  1.00 27.17 ? 69  LYS A CE  1 
ATOM   539 N NZ  . LYS A 1 69 ? 6.692   -4.868  -8.565  1.00 30.84 ? 69  LYS A NZ  1 
ATOM   540 N N   . ILE A 1 70 ? 10.648  -5.194  -2.551  1.00 18.34 ? 70  ILE A N   1 
ATOM   541 C CA  . ILE A 1 70 ? 10.444  -4.260  -1.448  1.00 17.47 ? 70  ILE A CA  1 
ATOM   542 C C   . ILE A 1 70 ? 9.754   -2.994  -1.967  1.00 17.94 ? 70  ILE A C   1 
ATOM   543 O O   . ILE A 1 70 ? 10.119  -2.454  -3.007  1.00 17.13 ? 70  ILE A O   1 
ATOM   544 C CB  . ILE A 1 70 ? 11.765  -3.893  -0.764  1.00 17.31 ? 70  ILE A CB  1 
ATOM   545 C CG1 . ILE A 1 70 ? 12.392  -5.153  -0.145  1.00 17.86 ? 70  ILE A CG1 1 
ATOM   546 C CG2 . ILE A 1 70 ? 11.536  -2.814  0.316   1.00 17.26 ? 70  ILE A CG2 1 
ATOM   547 C CD1 . ILE A 1 70 ? 13.762  -4.931  0.442   1.00 19.95 ? 70  ILE A CD1 1 
ATOM   548 N N   . ILE A 1 71 ? 8.751   -2.545  -1.226  1.00 17.64 ? 71  ILE A N   1 
ATOM   549 C CA  . ILE A 1 71 ? 7.928   -1.410  -1.647  1.00 18.34 ? 71  ILE A CA  1 
ATOM   550 C C   . ILE A 1 71 ? 8.059   -0.297  -0.612  1.00 19.31 ? 71  ILE A C   1 
ATOM   551 O O   . ILE A 1 71 ? 7.932   -0.550  0.579   1.00 18.97 ? 71  ILE A O   1 
ATOM   552 C CB  . ILE A 1 71 ? 6.476   -1.861  -1.797  1.00 18.49 ? 71  ILE A CB  1 
ATOM   553 C CG1 . ILE A 1 71 ? 6.397   -2.953  -2.874  1.00 19.26 ? 71  ILE A CG1 1 
ATOM   554 C CG2 . ILE A 1 71 ? 5.580   -0.677  -2.162  1.00 18.05 ? 71  ILE A CG2 1 
ATOM   555 C CD1 . ILE A 1 71 ? 5.590   -4.126  -2.487  1.00 21.57 ? 71  ILE A CD1 1 
ATOM   556 N N   . ARG A 1 72 ? 8.316   0.927   -1.063  1.00 20.39 ? 72  ARG A N   1 
ATOM   557 C CA  . ARG A 1 72 ? 8.371   2.073   -0.149  1.00 22.01 ? 72  ARG A CA  1 
ATOM   558 C C   . ARG A 1 72 ? 7.491   3.203   -0.672  1.00 21.49 ? 72  ARG A C   1 
ATOM   559 O O   . ARG A 1 72 ? 7.439   3.424   -1.880  1.00 21.48 ? 72  ARG A O   1 
ATOM   560 C CB  . ARG A 1 72 ? 9.810   2.555   0.053   1.00 22.08 ? 72  ARG A CB  1 
ATOM   561 C CG  . ARG A 1 72 ? 10.432  3.322   -1.126  1.00 24.06 ? 72  ARG A CG  1 
ATOM   562 C CD  . ARG A 1 72 ? 11.794  3.885   -0.760  1.00 25.29 ? 72  ARG A CD  1 
ATOM   563 N NE  . ARG A 1 72 ? 12.558  2.859   -0.047  1.00 31.76 ? 72  ARG A NE  1 
ATOM   564 C CZ  . ARG A 1 72 ? 13.304  1.929   -0.639  1.00 33.57 ? 72  ARG A CZ  1 
ATOM   565 N NH1 . ARG A 1 72 ? 13.429  1.912   -1.966  1.00 33.95 ? 72  ARG A NH1 1 
ATOM   566 N NH2 . ARG A 1 72 ? 13.937  1.026   0.104   1.00 33.27 ? 72  ARG A NH2 1 
ATOM   567 N N   . LEU A 1 73 ? 6.805   3.896   0.234   1.00 21.11 ? 73  LEU A N   1 
ATOM   568 C CA  . LEU A 1 73 ? 6.009   5.078   -0.139  1.00 21.25 ? 73  LEU A CA  1 
ATOM   569 C C   . LEU A 1 73 ? 6.913   6.234   -0.501  1.00 21.22 ? 73  LEU A C   1 
ATOM   570 O O   . LEU A 1 73 ? 7.919   6.476   0.174   1.00 21.86 ? 73  LEU A O   1 
ATOM   571 C CB  . LEU A 1 73 ? 5.082   5.515   1.005   1.00 21.86 ? 73  LEU A CB  1 
ATOM   572 C CG  . LEU A 1 73 ? 3.854   4.649   1.308   1.00 20.67 ? 73  LEU A CG  1 
ATOM   573 C CD1 . LEU A 1 73 ? 3.143   5.137   2.546   1.00 23.56 ? 73  LEU A CD1 1 
ATOM   574 C CD2 . LEU A 1 73 ? 2.899   4.607   0.128   1.00 22.54 ? 73  LEU A CD2 1 
ATOM   575 N N   . THR A 1 74 ? 6.555   6.944   -1.567  1.00 21.35 ? 74  THR A N   1 
ATOM   576 C CA  . THR A 1 74 ? 7.190   8.213   -1.885  1.00 20.82 ? 74  THR A CA  1 
ATOM   577 C C   . THR A 1 74 ? 6.604   9.248   -0.929  1.00 21.28 ? 74  THR A C   1 
ATOM   578 O O   . THR A 1 74 ? 5.655   8.952   -0.204  1.00 19.45 ? 74  THR A O   1 
ATOM   579 C CB  . THR A 1 74 ? 6.917   8.637   -3.329  1.00 21.42 ? 74  THR A CB  1 
ATOM   580 O OG1 . THR A 1 74 ? 5.497   8.739   -3.531  1.00 20.74 ? 74  THR A OG1 1 
ATOM   581 C CG2 . THR A 1 74 ? 7.519   7.627   -4.309  1.00 21.30 ? 74  THR A CG2 1 
ATOM   582 N N   . ASP A 1 75 ? 7.177   10.452  -0.899  1.00 21.65 ? 75  ASP A N   1 
ATOM   583 C CA  . ASP A 1 75 ? 6.593   11.520  -0.081  1.00 22.87 ? 75  ASP A CA  1 
ATOM   584 C C   . ASP A 1 75 ? 5.115   11.723  -0.431  1.00 21.77 ? 75  ASP A C   1 
ATOM   585 O O   . ASP A 1 75 ? 4.288   11.885  0.458   1.00 22.13 ? 75  ASP A O   1 
ATOM   586 C CB  . ASP A 1 75 ? 7.403   12.822  -0.199  1.00 23.64 ? 75  ASP A CB  1 
ATOM   587 C CG  . ASP A 1 75 ? 8.760   12.736  0.516   0.70 27.39 ? 75  ASP A CG  1 
ATOM   588 O OD1 . ASP A 1 75 ? 8.894   11.944  1.477   1.00 29.98 ? 75  ASP A OD1 1 
ATOM   589 O OD2 . ASP A 1 75 ? 9.701   13.468  0.118   0.50 32.67 ? 75  ASP A OD2 1 
ATOM   590 N N   . LYS A 1 76 ? 4.808   11.656  -1.724  1.00 21.74 ? 76  LYS A N   1 
ATOM   591 C CA  . LYS A 1 76 ? 3.445   11.769  -2.255  1.00 21.02 ? 76  LYS A CA  1 
ATOM   592 C C   . LYS A 1 76 ? 2.556   10.659  -1.697  1.00 20.31 ? 76  LYS A C   1 
ATOM   593 O O   . LYS A 1 76 ? 1.491   10.931  -1.151  1.00 19.66 ? 76  LYS A O   1 
ATOM   594 C CB  . LYS A 1 76 ? 3.482   11.692  -3.780  1.00 21.76 ? 76  LYS A CB  1 
ATOM   595 C CG  . LYS A 1 76 ? 2.135   11.871  -4.448  1.00 22.19 ? 76  LYS A CG  1 
ATOM   596 C CD  . LYS A 1 76 ? 2.246   11.651  -5.936  1.00 23.92 ? 76  LYS A CD  1 
ATOM   597 C CE  . LYS A 1 76 ? 0.953   12.053  -6.588  1.00 24.67 ? 76  LYS A CE  1 
ATOM   598 N NZ  . LYS A 1 76 ? 0.880   11.614  -7.995  1.00 25.45 ? 76  LYS A NZ  1 
ATOM   599 N N   . GLY A 1 77 ? 3.003   9.410   -1.820  1.00 19.20 ? 77  GLY A N   1 
ATOM   600 C CA  . GLY A 1 77 ? 2.262   8.281   -1.266  1.00 17.95 ? 77  GLY A CA  1 
ATOM   601 C C   . GLY A 1 77 ? 2.009   8.430   0.215   1.00 17.88 ? 77  GLY A C   1 
ATOM   602 O O   . GLY A 1 77 ? 0.908   8.163   0.677   1.00 17.08 ? 77  GLY A O   1 
ATOM   603 N N   . GLN A 1 78 ? 3.030   8.850   0.972   1.00 18.13 ? 78  GLN A N   1 
ATOM   604 C CA  . GLN A 1 78 ? 2.884   9.003   2.420   1.00 18.39 ? 78  GLN A CA  1 
ATOM   605 C C   . GLN A 1 78 ? 1.817   10.033  2.788   1.00 17.76 ? 78  GLN A C   1 
ATOM   606 O O   . GLN A 1 78 ? 0.988   9.787   3.667   1.00 17.82 ? 78  GLN A O   1 
ATOM   607 C CB  . GLN A 1 78 ? 4.220   9.364   3.103   1.00 18.85 ? 78  GLN A CB  1 
ATOM   608 C CG  . GLN A 1 78 ? 4.057   9.571   4.601   1.00 22.32 ? 78  GLN A CG  1 
ATOM   609 C CD  . GLN A 1 78 ? 5.247   9.122   5.424   1.00 28.00 ? 78  GLN A CD  1 
ATOM   610 O OE1 . GLN A 1 78 ? 6.355   8.955   4.912   0.70 30.04 ? 78  GLN A OE1 1 
ATOM   611 N NE2 . GLN A 1 78 ? 5.023   8.930   6.721   1.00 30.36 ? 78  GLN A NE2 1 
ATOM   612 N N   . LYS A 1 79 ? 1.867   11.188  2.135   1.00 17.84 ? 79  LYS A N   1 
ATOM   613 C CA  . LYS A 1 79 ? 0.898   12.265  2.381   1.00 18.52 ? 79  LYS A CA  1 
ATOM   614 C C   . LYS A 1 79 ? -0.539  11.770  2.157   1.00 18.21 ? 79  LYS A C   1 
ATOM   615 O O   . LYS A 1 79 ? -1.405  11.924  3.015   1.00 18.56 ? 79  LYS A O   1 
ATOM   616 C CB  . LYS A 1 79 ? 1.190   13.436  1.450   1.00 19.20 ? 79  LYS A CB  1 
ATOM   617 C CG  . LYS A 1 79 ? 2.337   14.357  1.877   1.00 21.87 ? 79  LYS A CG  1 
ATOM   618 C CD  . LYS A 1 79 ? 2.586   15.359  0.755   1.00 26.09 ? 79  LYS A CD  1 
ATOM   619 C CE  . LYS A 1 79 ? 3.370   16.572  1.196   1.00 28.89 ? 79  LYS A CE  1 
ATOM   620 N NZ  . LYS A 1 79 ? 3.455   17.547  0.066   1.00 31.45 ? 79  LYS A NZ  1 
ATOM   621 N N   . ILE A 1 80 ? -0.763  11.146  1.008   1.00 17.85 ? 80  ILE A N   1 
ATOM   622 C CA  . ILE A 1 80 ? -2.069  10.550  0.684   1.00 17.22 ? 80  ILE A CA  1 
ATOM   623 C C   . ILE A 1 80 ? -2.529  9.556   1.759   1.00 17.02 ? 80  ILE A C   1 
ATOM   624 O O   . ILE A 1 80 ? -3.640  9.656   2.270   1.00 16.29 ? 80  ILE A O   1 
ATOM   625 C CB  . ILE A 1 80 ? -2.054  9.905   -0.713  1.00 17.39 ? 80  ILE A CB  1 
ATOM   626 C CG1 . ILE A 1 80 ? -1.943  10.990  -1.792  1.00 17.99 ? 80  ILE A CG1 1 
ATOM   627 C CG2 . ILE A 1 80 ? -3.308  9.009   -0.935  1.00 16.89 ? 80  ILE A CG2 1 
ATOM   628 C CD1 . ILE A 1 80 ? -1.618  10.471  -3.167  1.00 21.28 ? 80  ILE A CD1 1 
ATOM   629 N N   . ALA A 1 81 ? -1.665  8.609   2.133   1.00 17.15 ? 81  ALA A N   1 
ATOM   630 C CA  . ALA A 1 81 ? -2.038  7.642   3.175   1.00 17.47 ? 81  ALA A CA  1 
ATOM   631 C C   . ALA A 1 81 ? -2.420  8.301   4.490   1.00 17.71 ? 81  ALA A C   1 
ATOM   632 O O   . ALA A 1 81 ? -3.364  7.887   5.143   1.00 17.33 ? 81  ALA A O   1 
ATOM   633 C CB  . ALA A 1 81 ? -0.915  6.616   3.396   1.00 17.47 ? 81  ALA A CB  1 
ATOM   634 N N   . GLN A 1 82 ? -1.662  9.311   4.895   1.00 18.99 ? 82  GLN A N   1 
ATOM   635 C CA  . GLN A 1 82 ? -1.936  10.020  6.133   1.00 20.06 ? 82  GLN A CA  1 
ATOM   636 C C   . GLN A 1 82 ? -3.317  10.690  6.130   1.00 20.00 ? 82  GLN A C   1 
ATOM   637 O O   . GLN A 1 82 ? -4.038  10.652  7.138   1.00 19.53 ? 82  GLN A O   1 
ATOM   638 C CB  . GLN A 1 82 ? -0.826  11.035  6.395   1.00 20.71 ? 82  GLN A CB  1 
ATOM   639 C CG  . GLN A 1 82 ? 0.426   10.376  6.951   1.00 24.07 ? 82  GLN A CG  1 
ATOM   640 C CD  . GLN A 1 82 ? 1.650   11.277  6.958   1.00 26.40 ? 82  GLN A CD  1 
ATOM   641 O OE1 . GLN A 1 82 ? 1.659   12.367  6.366   1.00 29.02 ? 82  GLN A OE1 1 
ATOM   642 N NE2 . GLN A 1 82 ? 2.696   10.820  7.631   1.00 26.31 ? 82  GLN A NE2 1 
ATOM   643 N N   . GLN A 1 83 ? -3.681  11.260  4.985   1.00 20.41 ? 83  GLN A N   1 
ATOM   644 C CA  . GLN A 1 83 ? -4.978  11.919  4.809   1.00 20.37 ? 83  GLN A CA  1 
ATOM   645 C C   . GLN A 1 83 ? -6.122  10.902  4.793   1.00 19.87 ? 83  GLN A C   1 
ATOM   646 O O   . GLN A 1 83 ? -7.178  11.141  5.371   1.00 19.39 ? 83  GLN A O   1 
ATOM   647 C CB  . GLN A 1 83 ? -4.988  12.764  3.534   1.00 21.37 ? 83  GLN A CB  1 
ATOM   648 C CG  . GLN A 1 83 ? -4.024  13.957  3.527   1.00 24.95 ? 83  GLN A CG  1 
ATOM   649 C CD  . GLN A 1 83 ? -4.554  15.169  4.281   0.90 29.30 ? 83  GLN A CD  1 
ATOM   650 O OE1 . GLN A 1 83 ? -5.705  15.588  4.100   1.00 32.97 ? 83  GLN A OE1 1 
ATOM   651 N NE2 . GLN A 1 83 ? -3.712  15.742  5.135   0.80 30.69 ? 83  GLN A NE2 1 
ATOM   652 N N   . ILE A 1 84 ? -5.897  9.748   4.168   1.00 19.26 ? 84  ILE A N   1 
ATOM   653 C CA  . ILE A 1 84 ? -6.887  8.674   4.190   1.00 19.48 ? 84  ILE A CA  1 
ATOM   654 C C   . ILE A 1 84 ? -7.112  8.148   5.622   1.00 20.09 ? 84  ILE A C   1 
ATOM   655 O O   . ILE A 1 84 ? -8.247  7.892   6.038   1.00 19.59 ? 84  ILE A O   1 
ATOM   656 C CB  . ILE A 1 84 ? -6.515  7.533   3.227   1.00 18.84 ? 84  ILE A CB  1 
ATOM   657 C CG1 . ILE A 1 84 ? -6.639  8.010   1.771   1.00 19.34 ? 84  ILE A CG1 1 
ATOM   658 C CG2 . ILE A 1 84 ? -7.402  6.321   3.491   1.00 18.83 ? 84  ILE A CG2 1 
ATOM   659 C CD1 . ILE A 1 84 ? -6.144  7.021   0.716   1.00 19.82 ? 84  ILE A CD1 1 
ATOM   660 N N   . LYS A 1 85 ? -6.022  7.999   6.374   1.00 20.98 ? 85  LYS A N   1 
ATOM   661 C CA  . LYS A 1 85 ? -6.105  7.640   7.787   1.00 22.33 ? 85  LYS A CA  1 
ATOM   662 C C   . LYS A 1 85 ? -7.078  8.565   8.533   1.00 22.25 ? 85  LYS A C   1 
ATOM   663 O O   . LYS A 1 85 ? -7.951  8.095   9.267   1.00 21.87 ? 85  LYS A O   1 
ATOM   664 C CB  . LYS A 1 85 ? -4.717  7.682   8.437   1.00 22.24 ? 85  LYS A CB  1 
ATOM   665 C CG  . LYS A 1 85 ? -4.716  7.304   9.923   1.00 24.32 ? 85  LYS A CG  1 
ATOM   666 C CD  . LYS A 1 85 ? -3.385  7.632   10.589  1.00 25.48 ? 85  LYS A CD  1 
ATOM   667 C CE  . LYS A 1 85 ? -3.328  7.042   12.006  1.00 28.90 ? 85  LYS A CE  1 
ATOM   668 N NZ  . LYS A 1 85 ? -4.504  7.459   12.835  1.00 32.06 ? 85  LYS A NZ  1 
ATOM   669 N N   . SER A 1 86 ? -6.939  9.872   8.341   1.00 22.69 ? 86  SER A N   1 
ATOM   670 C CA  . SER A 1 86 ? -7.866  10.811  8.987   1.00 23.81 ? 86  SER A CA  1 
ATOM   671 C C   . SER A 1 86 ? -9.309  10.621  8.516   1.00 23.34 ? 86  SER A C   1 
ATOM   672 O O   . SER A 1 86 ? -10.229 10.687  9.327   1.00 23.55 ? 86  SER A O   1 
ATOM   673 C CB  . SER A 1 86 ? -7.414  12.265  8.838   1.00 24.01 ? 86  SER A CB  1 
ATOM   674 O OG  . SER A 1 86 ? -7.344  12.644  7.483   1.00 27.74 ? 86  SER A OG  1 
ATOM   675 N N   . ILE A 1 87 ? -9.505  10.359  7.224   1.00 23.26 ? 87  ILE A N   1 
ATOM   676 C CA  . ILE A 1 87 ? -10.854 10.084  6.706   1.00 23.22 ? 87  ILE A CA  1 
ATOM   677 C C   . ILE A 1 87 ? -11.453 8.847   7.356   1.00 24.38 ? 87  ILE A C   1 
ATOM   678 O O   . ILE A 1 87 ? -12.583 8.878   7.833   1.00 24.43 ? 87  ILE A O   1 
ATOM   679 C CB  . ILE A 1 87 ? -10.883 9.948   5.164   1.00 22.90 ? 87  ILE A CB  1 
ATOM   680 C CG1 . ILE A 1 87 ? -10.561 11.301  4.526   1.00 20.93 ? 87  ILE A CG1 1 
ATOM   681 C CG2 . ILE A 1 87 ? -12.267 9.473   4.689   1.00 21.57 ? 87  ILE A CG2 1 
ATOM   682 C CD1 . ILE A 1 87 ? -10.223 11.226  3.078   1.00 18.75 ? 87  ILE A CD1 1 
ATOM   683 N N   . ILE A 1 88 ? -10.682 7.761   7.400   1.00 25.35 ? 88  ILE A N   1 
ATOM   684 C CA  . ILE A 1 88 ? -11.144 6.537   8.053   1.00 26.92 ? 88  ILE A CA  1 
ATOM   685 C C   . ILE A 1 88 ? -11.546 6.804   9.507   1.00 27.86 ? 88  ILE A C   1 
ATOM   686 O O   . ILE A 1 88 ? -12.593 6.321   9.952   1.00 28.53 ? 88  ILE A O   1 
ATOM   687 C CB  . ILE A 1 88 ? -10.097 5.395   7.955   1.00 26.78 ? 88  ILE A CB  1 
ATOM   688 C CG1 . ILE A 1 88 ? -9.966  4.929   6.500   1.00 26.94 ? 88  ILE A CG1 1 
ATOM   689 C CG2 . ILE A 1 88 ? -10.468 4.225   8.881   1.00 26.85 ? 88  ILE A CG2 1 
ATOM   690 C CD1 . ILE A 1 88 ? -8.760  4.023   6.240   1.00 27.34 ? 88  ILE A CD1 1 
ATOM   691 N N   . ASP A 1 89 ? -10.719 7.577   10.221  1.00 29.26 ? 89  ASP A N   1 
ATOM   692 C CA  . ASP A 1 89 ? -10.981 7.990   11.605  1.00 30.89 ? 89  ASP A CA  1 
ATOM   693 C C   . ASP A 1 89 ? -12.287 8.783   11.716  1.00 31.82 ? 89  ASP A C   1 
ATOM   694 O O   . ASP A 1 89 ? -13.113 8.502   12.590  1.00 32.22 ? 89  ASP A O   1 
ATOM   695 C CB  . ASP A 1 89 ? -9.843  8.863   12.146  1.00 31.00 ? 89  ASP A CB  1 
ATOM   696 C CG  . ASP A 1 89 ? -8.579  8.066   12.488  1.00 32.60 ? 89  ASP A CG  1 
ATOM   697 O OD1 . ASP A 1 89 ? -8.655  6.830   12.652  1.00 33.65 ? 89  ASP A OD1 1 
ATOM   698 O OD2 . ASP A 1 89 ? -7.503  8.694   12.599  1.00 33.65 ? 89  ASP A OD2 1 
ATOM   699 N N   . ILE A 1 90 ? -12.453 9.774   10.838  1.00 32.48 ? 90  ILE A N   1 
ATOM   700 C CA  . ILE A 1 90 ? -13.683 10.582  10.781  1.00 33.21 ? 90  ILE A CA  1 
ATOM   701 C C   . ILE A 1 90 ? -14.902 9.709   10.463  1.00 33.81 ? 90  ILE A C   1 
ATOM   702 O O   . ILE A 1 90 ? -15.950 9.842   11.096  1.00 33.82 ? 90  ILE A O   1 
ATOM   703 C CB  . ILE A 1 90 ? -13.559 11.758  9.770   1.00 33.03 ? 90  ILE A CB  1 
ATOM   704 C CG1 . ILE A 1 90 ? -12.468 12.735  10.211  1.00 32.62 ? 90  ILE A CG1 1 
ATOM   705 C CG2 . ILE A 1 90 ? -14.893 12.511  9.625   1.00 33.41 ? 90  ILE A CG2 1 
ATOM   706 C CD1 . ILE A 1 90 ? -11.878 13.587  9.088   1.00 32.67 ? 90  ILE A CD1 1 
ATOM   707 N N   . MET A 1 91 ? -14.750 8.802   9.502   1.00 34.70 ? 91  MET A N   1 
ATOM   708 C CA  . MET A 1 91 ? -15.836 7.925   9.090   1.00 35.62 ? 91  MET A CA  1 
ATOM   709 C C   . MET A 1 91 ? -16.373 7.087   10.248  1.00 36.20 ? 91  MET A C   1 
ATOM   710 O O   . MET A 1 91 ? -17.542 7.216   10.614  1.00 36.59 ? 91  MET A O   1 
ATOM   711 C CB  . MET A 1 91 ? -15.405 7.017   7.937   1.00 35.83 ? 91  MET A CB  1 
ATOM   712 C CG  . MET A 1 91 ? -16.571 6.341   7.240   1.00 37.11 ? 91  MET A CG  1 
ATOM   713 S SD  . MET A 1 91 ? -17.588 7.520   6.306   0.70 39.51 ? 91  MET A SD  1 
ATOM   714 C CE  . MET A 1 91 ? -16.669 7.557   4.764   1.00 39.44 ? 91  MET A CE  1 
HETATM 715 O O   . HOH B 2 .  ? 9.806   -0.564  2.665   1.00 14.88 ? 96  HOH A O   1 
HETATM 716 O O   . HOH B 2 .  ? 7.077   -6.438  5.265   1.00 16.95 ? 97  HOH A O   1 
HETATM 717 O O   . HOH B 2 .  ? 12.635  -0.225  2.281   1.00 24.97 ? 98  HOH A O   1 
HETATM 718 O O   . HOH B 2 .  ? 16.278  -5.361  3.925   1.00 19.64 ? 99  HOH A O   1 
HETATM 719 O O   . HOH B 2 .  ? 7.062   12.197  -3.856  1.00 21.54 ? 100 HOH A O   1 
HETATM 720 O O   . HOH B 2 .  ? 7.681   3.563   2.877   1.00 20.80 ? 101 HOH A O   1 
HETATM 721 O O   . HOH B 2 .  ? 5.726   12.387  3.226   1.00 32.57 ? 102 HOH A O   1 
HETATM 722 O O   . HOH B 2 .  ? -6.030  4.172   9.120   1.00 28.11 ? 103 HOH A O   1 
HETATM 723 O O   . HOH B 2 .  ? -19.829 3.807   -4.337  1.00 25.72 ? 104 HOH A O   1 
HETATM 724 O O   . HOH B 2 .  ? 6.040   -2.397  11.249  1.00 22.73 ? 105 HOH A O   1 
HETATM 725 O O   . HOH B 2 .  ? -8.953  -1.981  -5.930  1.00 27.10 ? 106 HOH A O   1 
HETATM 726 O O   . HOH B 2 .  ? 16.126  -13.126 -2.242  1.00 27.72 ? 107 HOH A O   1 
HETATM 727 O O   . HOH B 2 .  ? 9.630   0.602   5.102   1.00 29.44 ? 108 HOH A O   1 
HETATM 728 O O   . HOH B 2 .  ? 10.064  10.640  -2.058  1.00 32.46 ? 109 HOH A O   1 
HETATM 729 O O   . HOH B 2 .  ? 0.224   -9.207  -11.675 1.00 34.44 ? 110 HOH A O   1 
HETATM 730 O O   . HOH B 2 .  ? -0.447  -2.610  -13.222 1.00 31.74 ? 111 HOH A O   1 
HETATM 731 O O   . HOH B 2 .  ? 6.267   11.096  -6.117  1.00 34.14 ? 112 HOH A O   1 
HETATM 732 O O   . HOH B 2 .  ? 0.413   -3.296  8.097   1.00 23.26 ? 113 HOH A O   1 
HETATM 733 O O   . HOH B 2 .  ? 3.374   13.098  -9.053  1.00 43.25 ? 114 HOH A O   1 
HETATM 734 O O   . HOH B 2 .  ? -8.634  -8.766  -4.842  1.00 30.52 ? 115 HOH A O   1 
HETATM 735 O O   . HOH B 2 .  ? 3.829   -3.889  11.583  1.00 26.59 ? 116 HOH A O   1 
HETATM 736 O O   . HOH B 2 .  ? -0.059  -14.566 0.818   1.00 29.58 ? 117 HOH A O   1 
HETATM 737 O O   . HOH B 2 .  ? 7.320   6.121   -8.018  1.00 33.63 ? 118 HOH A O   1 
HETATM 738 O O   . HOH B 2 .  ? 17.318  -9.334  -8.052  1.00 42.91 ? 119 HOH A O   1 
HETATM 739 O O   . HOH B 2 .  ? 2.334   0.154   12.824  1.00 39.70 ? 120 HOH A O   1 
HETATM 740 O O   . HOH B 2 .  ? -6.543  -5.888  -1.249  1.00 28.48 ? 121 HOH A O   1 
HETATM 741 O O   . HOH B 2 .  ? 10.223  1.827   -8.556  1.00 34.51 ? 122 HOH A O   1 
HETATM 742 O O   . HOH B 2 .  ? 2.699   -13.897 1.649   1.00 27.32 ? 123 HOH A O   1 
HETATM 743 O O   . HOH B 2 .  ? 5.650   13.047  -7.723  1.00 35.24 ? 124 HOH A O   1 
HETATM 744 O O   . HOH B 2 .  ? 3.826   16.247  -9.338  1.00 40.80 ? 125 HOH A O   1 
HETATM 745 O O   . HOH B 2 .  ? 6.022   14.829  -3.702  1.00 37.13 ? 126 HOH A O   1 
HETATM 746 O O   . HOH B 2 .  ? 0.040   -1.355  12.853  1.00 36.66 ? 127 HOH A O   1 
HETATM 747 O O   . HOH B 2 .  ? 18.926  -9.358  2.474   1.00 43.14 ? 128 HOH A O   1 
HETATM 748 O O   . HOH B 2 .  ? 8.580   10.086  -6.492  1.00 41.48 ? 129 HOH A O   1 
HETATM 749 O O   . HOH B 2 .  ? 3.177   15.236  -3.334  1.00 42.97 ? 130 HOH A O   1 
HETATM 750 O O   . HOH B 2 .  ? 19.568  -7.673  -4.902  1.00 60.11 ? 131 HOH A O   1 
HETATM 751 O O   . HOH B 2 .  ? -7.610  5.079   10.877  1.00 33.66 ? 132 HOH A O   1 
HETATM 752 O O   . HOH B 2 .  ? 12.972  -1.067  12.629  0.50 29.81 ? 133 HOH A O   1 
# 
